data_7WXI
#
_entry.id   7WXI
#
_cell.length_a   1.00
_cell.length_b   1.00
_cell.length_c   1.00
_cell.angle_alpha   90.00
_cell.angle_beta   90.00
_cell.angle_gamma   90.00
#
_symmetry.space_group_name_H-M   'P 1'
#
loop_
_entity.id
_entity.type
_entity.pdbx_description
1 polymer 'Delta-1-pyrroline-5-carboxylate synthase'
2 non-polymer 'GAMMA-GLUTAMYL PHOSPHATE'
#
_entity_poly.entity_id   1
_entity_poly.type   'polypeptide(L)'
_entity_poly.pdbx_seq_one_letter_code
;MLQNSFKLAQSLRNGFYRNAWRAFSSHGPRQPLVSPERRLEKAHPTFTERSQLKYARRLVVKLGSAVITREDNHGLALGR
LASIVEQVAECHLEGREVMMVTSGAVAFGKQKLAQELLMSLSMRETLNPKDSKEFDGATLEPRAAAAVGQSGLMSLYDAM
FAQYGVKIAQVLVTKPDFYNEETRNNLFCTLSELISLNIVPIINTNDAVSPPMFIRDDEPAGGARRGIPIKDNDSLSAML
AAEVQADLLILMSDVDGIYNKPPWEDGAKLMHTYTSDDSNSIEFGKKSKVGTGGMDSKVKAATWALDRGVSVVICNGMQE
KAIKTIIGGRKVGTFFTEATESANAVPVEVMAENARTGSRQMQALTPAQRASAVNTLADLLVSREKFILDANAKDLAEAQ
KSGLAKPLLSRLSLNPAKLKNLSVGLKQIAEDSHKNVGRVLRRTRLADQLELKQVTVPIGVLLVIFESRPDSLPQVAALA
MASANGLLLKGGKEAAHSNKALMELVKEALATVGAEHAVSLVSTREEISDLLSMENHIDLIIPRGSSDLVRSIQQQSLHI
PVLGHAEGVCHVYIDRDADLEKALRIARDAKCDYPAACNAMETLLIHEDLMSGAIFGDVCNMLKREGVKIYAGPRLNQQL
TFGPPAAKSLKHEYGALECCIEVVPSLDEAINHIHTYGSSHTDVIVTENDAAARQFLGSVDSACVFHNASSRFADGFRFG
LGAEVGISTARIHARGPVGVEGLLTTKWILEGQDHAAADFAEGGGRTWLHETLPLD
;
_entity_poly.pdbx_strand_id   A,B
#
# COMPACT_ATOMS: atom_id res chain seq x y z
N PRO A 347 25.20 -15.62 11.02
CA PRO A 347 25.31 -14.85 9.77
C PRO A 347 24.10 -13.95 9.57
N VAL A 348 23.86 -13.48 8.35
CA VAL A 348 22.81 -12.50 8.13
C VAL A 348 21.77 -13.02 7.16
N GLU A 349 22.20 -13.29 5.92
CA GLU A 349 21.25 -13.64 4.88
C GLU A 349 20.56 -14.96 5.19
N VAL A 350 21.32 -15.94 5.68
CA VAL A 350 20.73 -17.23 6.03
C VAL A 350 19.60 -17.03 7.01
N MET A 351 19.70 -16.04 7.89
CA MET A 351 18.57 -15.70 8.75
C MET A 351 17.35 -15.37 7.91
N ALA A 352 17.50 -14.45 6.95
CA ALA A 352 16.37 -14.04 6.14
C ALA A 352 15.75 -15.22 5.41
N GLU A 353 16.58 -16.12 4.91
CA GLU A 353 16.03 -17.24 4.17
C GLU A 353 15.33 -18.22 5.09
N ASN A 354 15.92 -18.48 6.27
CA ASN A 354 15.20 -19.24 7.28
C ASN A 354 13.85 -18.60 7.55
N ALA A 355 13.82 -17.27 7.56
CA ALA A 355 12.59 -16.56 7.85
C ALA A 355 11.53 -16.83 6.78
N ARG A 356 11.92 -16.67 5.52
CA ARG A 356 10.98 -16.93 4.43
C ARG A 356 10.47 -18.36 4.48
N THR A 357 11.38 -19.31 4.62
CA THR A 357 10.99 -20.71 4.73
C THR A 357 9.95 -20.90 5.80
N GLY A 358 10.24 -20.42 7.01
CA GLY A 358 9.29 -20.61 8.10
C GLY A 358 7.99 -19.88 7.89
N SER A 359 8.03 -18.74 7.20
CA SER A 359 6.80 -18.06 6.86
C SER A 359 5.88 -18.99 6.09
N ARG A 360 6.39 -19.55 5.01
CA ARG A 360 5.59 -20.51 4.26
C ARG A 360 5.23 -21.71 5.13
N GLN A 361 6.12 -22.08 6.05
CA GLN A 361 5.84 -23.20 6.94
C GLN A 361 4.55 -22.97 7.71
N MET A 362 4.53 -21.93 8.52
CA MET A 362 3.34 -21.62 9.29
C MET A 362 2.22 -21.06 8.44
N GLN A 363 2.43 -20.92 7.12
CA GLN A 363 1.38 -20.38 6.27
C GLN A 363 0.13 -21.25 6.26
N ALA A 364 0.29 -22.57 6.28
CA ALA A 364 -0.83 -23.48 6.13
C ALA A 364 -1.38 -23.97 7.46
N LEU A 365 -1.28 -23.17 8.51
CA LEU A 365 -1.60 -23.58 9.87
C LEU A 365 -2.43 -22.52 10.58
N THR A 366 -3.53 -22.11 9.96
CA THR A 366 -4.38 -21.14 10.64
C THR A 366 -5.28 -21.73 11.74
N PRO A 367 -5.94 -22.90 11.53
CA PRO A 367 -7.12 -23.19 12.36
C PRO A 367 -6.78 -23.47 13.81
N ALA A 368 -7.04 -22.47 14.66
CA ALA A 368 -6.76 -22.52 16.09
C ALA A 368 -5.29 -22.77 16.39
N GLN A 369 -4.44 -22.72 15.37
CA GLN A 369 -3.03 -23.02 15.61
C GLN A 369 -2.31 -21.81 16.19
N ARG A 370 -2.29 -20.71 15.45
CA ARG A 370 -1.52 -19.55 15.87
C ARG A 370 -2.16 -18.87 17.07
N ALA A 371 -3.49 -18.95 17.18
CA ALA A 371 -4.13 -18.51 18.41
C ALA A 371 -3.60 -19.29 19.60
N SER A 372 -3.57 -20.62 19.49
CA SER A 372 -2.97 -21.42 20.55
C SER A 372 -1.52 -21.05 20.78
N ALA A 373 -0.80 -20.70 19.71
CA ALA A 373 0.61 -20.37 19.82
C ALA A 373 0.80 -19.14 20.71
N VAL A 374 0.09 -18.05 20.39
CA VAL A 374 0.20 -16.87 21.23
C VAL A 374 -0.39 -17.10 22.61
N ASN A 375 -1.37 -18.01 22.75
CA ASN A 375 -1.83 -18.39 24.08
C ASN A 375 -0.69 -18.93 24.92
N THR A 376 -0.03 -19.97 24.40
CA THR A 376 1.12 -20.52 25.11
C THR A 376 2.21 -19.48 25.29
N LEU A 377 2.30 -18.51 24.38
CA LEU A 377 3.29 -17.46 24.57
C LEU A 377 2.97 -16.64 25.81
N ALA A 378 1.70 -16.27 25.96
CA ALA A 378 1.30 -15.55 27.16
C ALA A 378 1.57 -16.39 28.41
N ASP A 379 1.27 -17.69 28.34
CA ASP A 379 1.52 -18.56 29.48
C ASP A 379 2.99 -18.57 29.85
N LEU A 380 3.85 -18.76 28.86
CA LEU A 380 5.29 -18.72 29.10
C LEU A 380 5.71 -17.37 29.67
N LEU A 381 5.11 -16.30 29.17
CA LEU A 381 5.41 -14.96 29.68
C LEU A 381 5.09 -14.86 31.16
N VAL A 382 4.02 -15.52 31.59
CA VAL A 382 3.60 -15.45 32.98
C VAL A 382 4.24 -16.55 33.84
N SER A 383 5.01 -17.45 33.22
CA SER A 383 5.61 -18.55 33.96
C SER A 383 7.13 -18.50 34.07
N ARG A 384 7.80 -17.53 33.46
CA ARG A 384 9.26 -17.41 33.54
C ARG A 384 9.64 -15.96 33.80
N GLU A 385 8.95 -15.34 34.74
CA GLU A 385 9.08 -13.91 34.97
C GLU A 385 10.38 -13.58 35.70
N LYS A 386 10.66 -14.30 36.78
CA LYS A 386 11.87 -14.02 37.56
C LYS A 386 13.09 -13.97 36.68
N PHE A 387 13.19 -14.92 35.74
CA PHE A 387 14.26 -14.91 34.76
C PHE A 387 14.32 -13.57 34.03
N ILE A 388 13.24 -13.22 33.33
CA ILE A 388 13.29 -12.02 32.49
C ILE A 388 13.30 -10.77 33.34
N LEU A 389 12.60 -10.76 34.48
CA LEU A 389 12.64 -9.60 35.36
C LEU A 389 14.05 -9.32 35.83
N ASP A 390 14.74 -10.36 36.31
CA ASP A 390 16.10 -10.15 36.79
C ASP A 390 17.03 -9.77 35.65
N ALA A 391 16.80 -10.32 34.46
CA ALA A 391 17.62 -9.95 33.32
C ALA A 391 17.49 -8.46 33.01
N ASN A 392 16.26 -7.99 32.88
CA ASN A 392 16.03 -6.56 32.66
C ASN A 392 16.67 -5.74 33.77
N ALA A 393 16.46 -6.15 35.01
CA ALA A 393 16.98 -5.38 36.14
C ALA A 393 18.49 -5.25 36.06
N LYS A 394 19.19 -6.38 35.95
CA LYS A 394 20.64 -6.35 35.95
C LYS A 394 21.18 -5.58 34.74
N ASP A 395 20.57 -5.78 33.58
CA ASP A 395 21.12 -5.15 32.38
C ASP A 395 20.91 -3.64 32.44
N LEU A 396 19.72 -3.19 32.85
CA LEU A 396 19.49 -1.75 32.97
C LEU A 396 20.39 -1.15 34.04
N ALA A 397 20.59 -1.87 35.14
CA ALA A 397 21.45 -1.36 36.20
C ALA A 397 22.87 -1.19 35.69
N GLU A 398 23.38 -2.17 34.96
CA GLU A 398 24.70 -2.05 34.37
C GLU A 398 24.76 -0.89 33.38
N ALA A 399 23.67 -0.63 32.68
CA ALA A 399 23.66 0.50 31.76
C ALA A 399 23.62 1.83 32.48
N GLN A 400 23.07 1.86 33.70
CA GLN A 400 22.91 3.11 34.42
C GLN A 400 24.24 3.81 34.67
N LYS A 401 25.29 3.03 34.96
CA LYS A 401 26.60 3.61 35.22
C LYS A 401 27.04 4.53 34.09
N SER A 402 26.67 4.18 32.86
CA SER A 402 26.98 5.04 31.72
C SER A 402 26.12 6.31 31.75
N GLY A 403 24.82 6.15 31.95
CA GLY A 403 23.92 7.29 31.93
C GLY A 403 23.89 7.96 30.58
N LEU A 404 23.36 7.27 29.58
CA LEU A 404 23.45 7.77 28.21
C LEU A 404 22.37 8.80 27.91
N ALA A 405 21.13 8.56 28.32
CA ALA A 405 20.05 9.51 28.08
C ALA A 405 18.83 9.13 28.92
N LYS A 406 18.23 10.14 29.55
CA LYS A 406 17.08 9.92 30.41
C LYS A 406 15.84 9.40 29.67
N PRO A 407 15.55 9.81 28.43
CA PRO A 407 14.38 9.20 27.78
C PRO A 407 14.53 7.71 27.63
N LEU A 408 15.69 7.26 27.15
CA LEU A 408 15.98 5.84 27.12
C LEU A 408 15.96 5.26 28.52
N LEU A 409 16.84 5.74 29.41
CA LEU A 409 16.95 5.20 30.75
C LEU A 409 15.64 5.21 31.51
N SER A 410 14.61 5.87 30.97
CA SER A 410 13.26 5.79 31.50
C SER A 410 12.45 4.70 30.78
N ARG A 411 12.43 4.74 29.45
CA ARG A 411 11.68 3.75 28.70
C ARG A 411 12.17 2.34 28.97
N LEU A 412 13.42 2.18 29.39
CA LEU A 412 14.00 0.87 29.65
C LEU A 412 13.31 0.14 30.80
N SER A 413 12.50 0.83 31.59
CA SER A 413 11.90 0.24 32.77
C SER A 413 11.05 -0.98 32.39
N LEU A 414 10.82 -1.82 33.39
CA LEU A 414 9.98 -3.00 33.24
C LEU A 414 9.67 -3.58 34.61
N ASN A 415 8.39 -3.85 34.86
CA ASN A 415 7.93 -4.31 36.16
C ASN A 415 6.81 -5.30 35.95
N PRO A 416 6.48 -6.09 36.97
CA PRO A 416 5.37 -7.06 36.85
C PRO A 416 4.08 -6.44 36.36
N ALA A 417 3.84 -5.15 36.61
CA ALA A 417 2.65 -4.51 36.07
C ALA A 417 2.68 -4.51 34.54
N LYS A 418 3.80 -4.08 33.96
CA LYS A 418 3.93 -4.09 32.52
C LYS A 418 3.84 -5.50 31.97
N LEU A 419 4.32 -6.49 32.74
CA LEU A 419 4.22 -7.87 32.28
C LEU A 419 2.78 -8.34 32.24
N LYS A 420 2.01 -8.03 33.28
CA LYS A 420 0.58 -8.34 33.24
C LYS A 420 -0.08 -7.64 32.07
N ASN A 421 0.32 -6.40 31.80
CA ASN A 421 -0.27 -5.65 30.70
C ASN A 421 0.02 -6.31 29.35
N LEU A 422 1.27 -6.73 29.15
CA LEU A 422 1.61 -7.42 27.90
C LEU A 422 0.85 -8.73 27.79
N SER A 423 0.76 -9.48 28.90
CA SER A 423 0.02 -10.73 28.86
C SER A 423 -1.41 -10.51 28.41
N VAL A 424 -2.09 -9.51 29.00
CA VAL A 424 -3.49 -9.33 28.66
C VAL A 424 -3.64 -8.80 27.24
N GLY A 425 -2.74 -7.90 26.82
CA GLY A 425 -2.81 -7.42 25.46
C GLY A 425 -2.65 -8.52 24.43
N LEU A 426 -1.68 -9.40 24.66
CA LEU A 426 -1.47 -10.50 23.74
C LEU A 426 -2.63 -11.49 23.80
N LYS A 427 -3.25 -11.64 24.96
CA LYS A 427 -4.49 -12.41 25.02
C LYS A 427 -5.56 -11.80 24.13
N GLN A 428 -5.67 -10.47 24.16
CA GLN A 428 -6.67 -9.82 23.32
C GLN A 428 -6.37 -10.07 21.85
N ILE A 429 -5.10 -9.95 21.48
CA ILE A 429 -4.69 -10.20 20.09
C ILE A 429 -5.04 -11.63 19.69
N ALA A 430 -4.73 -12.59 20.57
CA ALA A 430 -5.12 -13.96 20.32
C ALA A 430 -6.60 -14.07 20.03
N GLU A 431 -7.41 -13.47 20.89
CA GLU A 431 -8.85 -13.59 20.76
C GLU A 431 -9.33 -13.04 19.42
N ASP A 432 -8.96 -11.80 19.10
CA ASP A 432 -9.49 -11.15 17.92
C ASP A 432 -8.74 -11.51 16.64
N SER A 433 -7.71 -12.35 16.73
CA SER A 433 -6.88 -12.70 15.58
C SER A 433 -7.30 -14.01 14.95
N HIS A 434 -8.61 -14.29 14.95
CA HIS A 434 -9.08 -15.58 14.48
C HIS A 434 -8.84 -15.77 13.00
N LYS A 435 -9.40 -14.88 12.17
CA LYS A 435 -9.49 -15.09 10.74
C LYS A 435 -8.92 -13.91 9.96
N ASN A 436 -7.72 -13.47 10.34
CA ASN A 436 -7.07 -12.42 9.58
C ASN A 436 -6.25 -12.95 8.41
N VAL A 437 -6.21 -14.27 8.23
CA VAL A 437 -5.53 -14.89 7.11
C VAL A 437 -6.50 -15.88 6.48
N GLY A 438 -6.27 -16.20 5.21
CA GLY A 438 -7.15 -17.11 4.52
C GLY A 438 -8.56 -16.56 4.37
N ARG A 439 -8.71 -15.26 4.25
CA ARG A 439 -10.01 -14.62 4.13
C ARG A 439 -10.31 -14.33 2.66
N VAL A 440 -11.57 -14.46 2.28
CA VAL A 440 -12.02 -14.09 0.95
C VAL A 440 -12.43 -12.64 0.98
N LEU A 441 -12.42 -11.99 -0.18
CA LEU A 441 -12.84 -10.60 -0.23
C LEU A 441 -13.85 -10.35 -1.34
N ARG A 442 -13.74 -11.11 -2.43
CA ARG A 442 -14.73 -11.05 -3.49
C ARG A 442 -15.01 -12.46 -3.97
N ARG A 443 -16.22 -12.66 -4.49
CA ARG A 443 -16.59 -13.93 -5.09
C ARG A 443 -17.29 -13.60 -6.40
N THR A 444 -16.60 -13.80 -7.51
CA THR A 444 -17.09 -13.33 -8.79
C THR A 444 -16.93 -14.42 -9.82
N ARG A 445 -17.88 -14.48 -10.74
CA ARG A 445 -17.84 -15.41 -11.86
C ARG A 445 -17.75 -14.63 -13.17
N LEU A 446 -17.20 -15.29 -14.17
CA LEU A 446 -17.11 -14.75 -15.52
C LEU A 446 -17.92 -15.55 -16.54
N ALA A 447 -17.76 -16.85 -16.56
CA ALA A 447 -18.54 -17.74 -17.41
C ALA A 447 -18.73 -19.05 -16.66
N ASP A 448 -19.29 -20.04 -17.36
CA ASP A 448 -19.58 -21.31 -16.72
C ASP A 448 -18.32 -21.89 -16.11
N GLN A 449 -18.41 -22.27 -14.84
CA GLN A 449 -17.30 -22.89 -14.11
C GLN A 449 -16.08 -21.97 -14.05
N LEU A 450 -16.27 -20.67 -14.16
CA LEU A 450 -15.16 -19.71 -14.16
C LEU A 450 -15.37 -18.71 -13.03
N GLU A 451 -14.93 -19.08 -11.83
CA GLU A 451 -15.08 -18.26 -10.65
C GLU A 451 -13.73 -17.85 -10.12
N LEU A 452 -13.65 -16.69 -9.50
CA LEU A 452 -12.43 -16.25 -8.86
C LEU A 452 -12.76 -15.70 -7.48
N LYS A 453 -11.72 -15.24 -6.79
CA LYS A 453 -11.87 -14.60 -5.50
C LYS A 453 -10.65 -13.72 -5.30
N GLN A 454 -10.45 -13.27 -4.07
CA GLN A 454 -9.29 -12.43 -3.77
C GLN A 454 -8.92 -12.67 -2.31
N VAL A 455 -8.05 -13.62 -2.07
CA VAL A 455 -7.78 -14.10 -0.75
C VAL A 455 -6.69 -13.22 -0.14
N THR A 456 -6.52 -13.31 1.17
CA THR A 456 -5.47 -12.57 1.87
C THR A 456 -4.23 -13.43 2.05
N VAL A 457 -3.13 -12.80 2.42
CA VAL A 457 -1.81 -13.42 2.33
C VAL A 457 -0.78 -12.54 3.04
N PRO A 458 0.20 -13.12 3.69
CA PRO A 458 1.21 -12.31 4.39
C PRO A 458 1.95 -11.34 3.50
N ILE A 459 2.77 -10.47 4.10
CA ILE A 459 3.61 -9.57 3.33
C ILE A 459 4.96 -10.19 3.02
N GLY A 460 5.51 -10.99 3.92
CA GLY A 460 6.80 -11.59 3.66
C GLY A 460 7.73 -11.54 4.85
N VAL A 461 8.88 -10.88 4.72
CA VAL A 461 9.92 -10.93 5.73
C VAL A 461 10.13 -9.52 6.25
N LEU A 462 9.49 -9.20 7.37
CA LEU A 462 9.56 -7.86 7.94
C LEU A 462 10.81 -7.72 8.77
N LEU A 463 11.31 -6.49 8.86
CA LEU A 463 12.52 -6.17 9.61
C LEU A 463 12.22 -4.97 10.50
N VAL A 464 11.87 -5.24 11.74
CA VAL A 464 11.52 -4.18 12.68
C VAL A 464 12.77 -3.69 13.37
N ILE A 465 12.88 -2.38 13.51
CA ILE A 465 14.03 -1.74 14.11
C ILE A 465 13.53 -0.80 15.19
N PHE A 466 14.09 -0.93 16.39
CA PHE A 466 13.66 -0.03 17.45
C PHE A 466 14.75 0.06 18.51
N GLU A 467 14.89 1.25 19.08
CA GLU A 467 15.65 1.43 20.31
C GLU A 467 15.01 0.54 21.38
N SER A 468 15.82 0.00 22.29
CA SER A 468 15.37 -1.12 23.11
C SER A 468 14.29 -0.65 24.08
N ARG A 469 13.05 -0.85 23.66
CA ARG A 469 11.89 -0.74 24.52
C ARG A 469 11.34 -2.14 24.64
N PRO A 470 11.95 -2.99 25.47
CA PRO A 470 11.63 -4.42 25.44
C PRO A 470 10.20 -4.73 25.77
N ASP A 471 9.40 -3.73 26.15
CA ASP A 471 7.96 -3.94 26.19
C ASP A 471 7.36 -4.06 24.79
N SER A 472 8.16 -3.86 23.75
CA SER A 472 7.68 -3.97 22.39
C SER A 472 7.88 -5.35 21.80
N LEU A 473 9.03 -5.97 22.04
CA LEU A 473 9.37 -7.22 21.38
C LEU A 473 8.27 -8.26 21.40
N PRO A 474 7.68 -8.62 22.55
CA PRO A 474 6.63 -9.64 22.51
C PRO A 474 5.40 -9.17 21.79
N GLN A 475 5.09 -7.88 21.88
CA GLN A 475 4.00 -7.31 21.10
C GLN A 475 4.16 -7.67 19.62
N VAL A 476 5.25 -7.21 19.01
CA VAL A 476 5.40 -7.43 17.59
C VAL A 476 5.59 -8.91 17.29
N ALA A 477 6.12 -9.67 18.25
CA ALA A 477 6.27 -11.10 17.98
C ALA A 477 4.93 -11.77 17.83
N ALA A 478 4.00 -11.46 18.73
CA ALA A 478 2.65 -11.96 18.56
C ALA A 478 2.02 -11.42 17.30
N LEU A 479 2.33 -10.17 16.95
CA LEU A 479 1.84 -9.60 15.70
C LEU A 479 2.24 -10.47 14.51
N ALA A 480 3.53 -10.71 14.36
CA ALA A 480 4.03 -11.57 13.30
C ALA A 480 3.34 -12.92 13.33
N MET A 481 3.36 -13.58 14.49
CA MET A 481 2.84 -14.94 14.55
C MET A 481 1.33 -14.99 14.41
N ALA A 482 0.65 -13.85 14.43
CA ALA A 482 -0.76 -13.83 14.10
C ALA A 482 -0.99 -13.57 12.62
N SER A 483 -0.20 -12.68 12.04
CA SER A 483 -0.22 -12.45 10.60
C SER A 483 0.73 -13.38 9.87
N ALA A 484 1.33 -14.33 10.56
CA ALA A 484 1.99 -15.48 9.95
C ALA A 484 3.20 -15.08 9.13
N ASN A 485 3.43 -13.79 8.95
CA ASN A 485 4.62 -13.33 8.24
C ASN A 485 5.82 -13.40 9.17
N GLY A 486 6.82 -14.18 8.79
CA GLY A 486 7.99 -14.35 9.61
C GLY A 486 8.62 -13.01 9.96
N LEU A 487 9.48 -12.98 10.98
CA LEU A 487 9.94 -11.70 11.48
C LEU A 487 11.41 -11.74 11.88
N LEU A 488 12.13 -10.70 11.50
CA LEU A 488 13.42 -10.36 12.08
C LEU A 488 13.23 -9.33 13.17
N LEU A 489 14.31 -9.07 13.90
CA LEU A 489 14.29 -8.03 14.92
C LEU A 489 15.69 -7.45 15.05
N LYS A 490 15.76 -6.16 15.34
CA LYS A 490 17.06 -5.51 15.43
C LYS A 490 16.92 -4.27 16.30
N GLY A 491 17.44 -4.34 17.51
CA GLY A 491 17.43 -3.22 18.44
C GLY A 491 18.79 -2.55 18.54
N GLY A 492 19.08 -1.99 19.71
CA GLY A 492 20.35 -1.37 19.98
C GLY A 492 21.13 -2.15 21.04
N LYS A 493 22.35 -1.69 21.30
CA LYS A 493 23.20 -2.37 22.26
C LYS A 493 22.59 -2.38 23.65
N GLU A 494 21.82 -1.36 23.98
CA GLU A 494 21.18 -1.28 25.29
C GLU A 494 20.22 -2.43 25.48
N ALA A 495 20.14 -2.92 26.72
CA ALA A 495 19.23 -3.98 27.11
C ALA A 495 19.38 -5.23 26.26
N ALA A 496 20.53 -5.39 25.60
CA ALA A 496 20.72 -6.51 24.68
C ALA A 496 20.47 -7.84 25.38
N HIS A 497 20.90 -7.96 26.64
CA HIS A 497 20.70 -9.21 27.36
C HIS A 497 19.22 -9.47 27.59
N SER A 498 18.49 -8.45 28.02
CA SER A 498 17.05 -8.63 28.24
C SER A 498 16.34 -8.98 26.95
N ASN A 499 16.69 -8.30 25.87
CA ASN A 499 16.11 -8.64 24.58
C ASN A 499 16.44 -10.07 24.20
N LYS A 500 17.66 -10.52 24.50
CA LYS A 500 18.01 -11.91 24.23
C LYS A 500 17.14 -12.86 25.04
N ALA A 501 16.86 -12.51 26.29
CA ALA A 501 16.00 -13.35 27.12
C ALA A 501 14.62 -13.43 26.52
N LEU A 502 14.05 -12.28 26.15
CA LEU A 502 12.76 -12.28 25.49
C LEU A 502 12.79 -13.08 24.21
N MET A 503 13.93 -13.08 23.53
CA MET A 503 14.05 -13.85 22.30
C MET A 503 13.99 -15.33 22.59
N GLU A 504 14.67 -15.77 23.66
CA GLU A 504 14.53 -17.15 24.10
C GLU A 504 13.06 -17.47 24.40
N LEU A 505 12.39 -16.56 25.11
CA LEU A 505 10.96 -16.72 25.39
C LEU A 505 10.19 -17.03 24.13
N VAL A 506 10.25 -16.11 23.17
CA VAL A 506 9.41 -16.23 21.99
C VAL A 506 9.85 -17.41 21.15
N LYS A 507 11.14 -17.73 21.13
CA LYS A 507 11.60 -18.86 20.35
C LYS A 507 11.06 -20.16 20.89
N GLU A 508 11.15 -20.35 22.21
CA GLU A 508 10.54 -21.54 22.82
C GLU A 508 9.04 -21.57 22.55
N ALA A 509 8.37 -20.43 22.73
CA ALA A 509 6.93 -20.39 22.56
C ALA A 509 6.54 -20.81 21.15
N LEU A 510 7.26 -20.33 20.14
CA LEU A 510 6.99 -20.73 18.78
C LEU A 510 7.31 -22.20 18.56
N ALA A 511 8.45 -22.66 19.08
CA ALA A 511 8.84 -24.04 18.85
C ALA A 511 7.86 -25.01 19.48
N THR A 512 7.06 -24.55 20.46
CA THR A 512 6.02 -25.39 21.05
C THR A 512 5.23 -26.11 19.96
N VAL A 513 4.54 -25.36 19.12
CA VAL A 513 3.99 -25.85 17.87
C VAL A 513 4.21 -24.79 16.82
N GLY A 514 4.54 -25.23 15.62
CA GLY A 514 4.93 -24.31 14.57
C GLY A 514 6.08 -24.89 13.79
N ALA A 515 6.77 -25.85 14.42
CA ALA A 515 7.71 -26.72 13.75
C ALA A 515 8.89 -25.96 13.14
N GLU A 516 8.94 -24.64 13.34
CA GLU A 516 10.05 -23.87 12.80
C GLU A 516 10.19 -22.57 13.58
N HIS A 517 11.44 -22.23 13.87
CA HIS A 517 11.80 -20.94 14.43
C HIS A 517 11.71 -19.86 13.37
N ALA A 518 10.51 -19.56 12.89
CA ALA A 518 10.36 -18.55 11.84
C ALA A 518 10.38 -17.13 12.40
N VAL A 519 11.36 -16.85 13.25
CA VAL A 519 11.52 -15.57 13.91
C VAL A 519 12.93 -15.54 14.46
N SER A 520 13.63 -14.43 14.28
CA SER A 520 15.02 -14.41 14.67
C SER A 520 15.41 -13.01 15.09
N LEU A 521 16.49 -12.93 15.84
CA LEU A 521 17.06 -11.67 16.27
C LEU A 521 18.45 -11.55 15.67
N VAL A 522 18.77 -10.34 15.22
CA VAL A 522 20.12 -10.04 14.75
C VAL A 522 20.46 -8.63 15.20
N SER A 523 21.43 -8.52 16.11
CA SER A 523 21.82 -7.25 16.70
C SER A 523 23.29 -7.37 17.06
N THR A 524 23.73 -6.53 18.00
CA THR A 524 25.13 -6.49 18.38
C THR A 524 26.00 -6.14 17.17
N ARG A 525 25.86 -4.88 16.75
CA ARG A 525 26.70 -4.35 15.68
C ARG A 525 26.37 -5.03 14.36
N GLU A 526 25.17 -4.78 13.84
CA GLU A 526 24.76 -5.38 12.58
C GLU A 526 24.60 -4.36 11.45
N GLU A 527 25.20 -3.18 11.59
CA GLU A 527 25.44 -2.31 10.45
C GLU A 527 24.14 -1.98 9.72
N ILE A 528 23.30 -1.19 10.39
CA ILE A 528 21.99 -0.80 9.88
C ILE A 528 22.05 -0.53 8.39
N SER A 529 23.06 0.24 7.96
CA SER A 529 23.15 0.58 6.55
C SER A 529 23.40 -0.66 5.70
N ASP A 530 24.11 -1.65 6.23
CA ASP A 530 24.41 -2.83 5.43
C ASP A 530 23.15 -3.58 5.04
N LEU A 531 22.41 -4.12 6.00
CA LEU A 531 21.24 -4.88 5.63
C LEU A 531 20.15 -3.98 5.09
N LEU A 532 20.07 -2.73 5.58
CA LEU A 532 19.13 -1.79 5.00
C LEU A 532 19.35 -1.66 3.51
N SER A 533 20.61 -1.60 3.08
CA SER A 533 20.87 -1.54 1.65
C SER A 533 20.41 -2.80 0.95
N MET A 534 20.51 -3.94 1.62
CA MET A 534 20.11 -5.20 1.00
C MET A 534 18.63 -5.13 0.62
N GLU A 535 18.28 -5.83 -0.44
CA GLU A 535 16.93 -5.81 -0.98
C GLU A 535 16.48 -7.24 -1.24
N ASN A 536 15.25 -7.37 -1.73
CA ASN A 536 14.74 -8.63 -2.24
C ASN A 536 14.67 -9.71 -1.18
N HIS A 537 15.01 -9.38 0.07
CA HIS A 537 14.72 -10.27 1.19
C HIS A 537 13.83 -9.60 2.22
N ILE A 538 14.20 -8.42 2.71
CA ILE A 538 13.32 -7.71 3.61
C ILE A 538 12.20 -7.08 2.79
N ASP A 539 11.07 -6.83 3.43
CA ASP A 539 9.92 -6.27 2.75
C ASP A 539 9.44 -4.97 3.36
N LEU A 540 9.20 -4.96 4.67
CA LEU A 540 8.65 -3.80 5.33
C LEU A 540 9.52 -3.45 6.53
N ILE A 541 10.09 -2.25 6.50
CA ILE A 541 10.89 -1.73 7.59
C ILE A 541 9.96 -1.01 8.54
N ILE A 542 9.89 -1.48 9.78
CA ILE A 542 8.99 -0.85 10.75
C ILE A 542 9.79 -0.24 11.88
N PRO A 543 10.31 0.96 11.73
CA PRO A 543 10.91 1.63 12.88
C PRO A 543 9.84 1.89 13.92
N ARG A 544 10.23 1.82 15.19
CA ARG A 544 9.27 2.09 16.25
C ARG A 544 9.87 2.99 17.32
N GLY A 545 11.19 3.00 17.44
CA GLY A 545 11.84 3.58 18.59
C GLY A 545 11.43 4.99 18.95
N SER A 546 11.82 5.97 18.16
CA SER A 546 11.52 7.36 18.43
C SER A 546 11.93 8.16 17.20
N SER A 547 11.81 9.49 17.31
CA SER A 547 12.09 10.36 16.17
C SER A 547 13.47 10.13 15.59
N ASP A 548 14.44 9.78 16.43
CA ASP A 548 15.81 9.56 15.94
C ASP A 548 15.84 8.46 14.90
N LEU A 549 15.31 7.29 15.24
CA LEU A 549 15.37 6.16 14.34
C LEU A 549 14.64 6.46 13.04
N VAL A 550 13.41 6.98 13.14
CA VAL A 550 12.64 7.18 11.94
C VAL A 550 13.30 8.22 11.04
N ARG A 551 13.86 9.29 11.61
CA ARG A 551 14.53 10.27 10.77
C ARG A 551 15.76 9.68 10.11
N SER A 552 16.63 9.07 10.91
CA SER A 552 17.85 8.48 10.38
C SER A 552 17.54 7.45 9.32
N ILE A 553 16.41 6.77 9.43
CA ILE A 553 16.05 5.77 8.43
C ILE A 553 15.55 6.46 7.17
N GLN A 554 14.46 7.23 7.30
CA GLN A 554 13.87 7.90 6.15
C GLN A 554 14.93 8.57 5.30
N GLN A 555 15.90 9.23 5.95
CA GLN A 555 17.04 9.73 5.18
C GLN A 555 17.87 8.58 4.64
N GLN A 556 18.36 7.71 5.53
CA GLN A 556 19.23 6.61 5.13
C GLN A 556 18.53 5.68 4.15
N SER A 557 17.32 5.26 4.48
CA SER A 557 16.61 4.28 3.67
C SER A 557 16.50 4.74 2.23
N LEU A 558 16.59 3.77 1.32
CA LEU A 558 16.43 4.06 -0.10
C LEU A 558 15.95 2.81 -0.82
N HIS A 559 14.83 2.95 -1.51
CA HIS A 559 14.22 1.85 -2.28
C HIS A 559 13.87 0.67 -1.39
N ILE A 560 12.97 0.90 -0.45
CA ILE A 560 12.49 -0.17 0.41
C ILE A 560 11.17 0.25 1.04
N PRO A 561 10.18 -0.62 1.09
CA PRO A 561 8.90 -0.26 1.72
C PRO A 561 9.08 -0.10 3.21
N VAL A 562 8.74 1.08 3.73
CA VAL A 562 8.97 1.38 5.14
C VAL A 562 7.62 1.70 5.77
N LEU A 563 7.60 1.90 7.08
CA LEU A 563 6.44 2.42 7.78
C LEU A 563 6.94 3.55 8.67
N GLY A 564 6.05 4.03 9.54
CA GLY A 564 6.48 5.04 10.48
C GLY A 564 6.52 6.42 9.88
N HIS A 565 6.02 7.40 10.61
CA HIS A 565 5.91 8.75 10.10
C HIS A 565 7.27 9.45 10.22
N ALA A 566 7.27 10.76 9.99
CA ALA A 566 8.48 11.57 10.07
C ALA A 566 8.56 12.37 11.35
N GLU A 567 7.55 13.20 11.63
CA GLU A 567 7.50 13.98 12.86
C GLU A 567 6.05 14.32 13.12
N GLY A 568 5.55 13.94 14.29
CA GLY A 568 4.14 14.05 14.55
C GLY A 568 3.67 15.48 14.73
N VAL A 569 3.80 16.29 13.69
CA VAL A 569 3.40 17.69 13.74
C VAL A 569 1.88 17.72 13.65
N CYS A 570 1.23 17.82 14.80
CA CYS A 570 -0.22 17.84 14.82
C CYS A 570 -0.68 19.24 14.45
N HIS A 571 -1.96 19.49 14.63
CA HIS A 571 -2.52 20.83 14.54
C HIS A 571 -3.93 20.77 15.08
N VAL A 572 -4.47 21.95 15.40
CA VAL A 572 -5.76 22.06 16.06
C VAL A 572 -6.48 23.25 15.45
N TYR A 573 -7.79 23.25 15.56
CA TYR A 573 -8.54 24.44 15.20
C TYR A 573 -9.68 24.61 16.18
N ILE A 574 -10.07 25.85 16.40
CA ILE A 574 -11.20 26.20 17.23
C ILE A 574 -12.02 27.21 16.45
N ASP A 575 -13.33 27.20 16.65
CA ASP A 575 -14.19 28.04 15.84
C ASP A 575 -14.96 29.06 16.67
N ARG A 576 -15.40 30.12 15.98
CA ARG A 576 -16.24 31.17 16.52
C ARG A 576 -17.54 30.62 17.10
N ASP A 577 -17.82 29.35 16.85
CA ASP A 577 -19.01 28.71 17.38
C ASP A 577 -18.58 27.56 18.28
N ALA A 578 -17.63 27.82 19.18
CA ALA A 578 -17.18 26.84 20.15
C ALA A 578 -17.18 27.49 21.52
N ASP A 579 -17.79 26.83 22.49
CA ASP A 579 -17.72 27.32 23.86
C ASP A 579 -16.35 27.01 24.45
N LEU A 580 -15.89 27.92 25.30
CA LEU A 580 -14.46 27.98 25.60
C LEU A 580 -13.99 26.78 26.39
N GLU A 581 -14.71 26.43 27.46
CA GLU A 581 -14.21 25.41 28.38
C GLU A 581 -13.90 24.11 27.65
N LYS A 582 -14.65 23.83 26.59
CA LYS A 582 -14.26 22.77 25.67
C LYS A 582 -12.81 22.95 25.27
N ALA A 583 -12.51 24.07 24.59
CA ALA A 583 -11.17 24.33 24.10
C ALA A 583 -10.16 24.23 25.23
N LEU A 584 -10.52 24.70 26.41
CA LEU A 584 -9.59 24.69 27.52
C LEU A 584 -9.18 23.26 27.86
N ARG A 585 -10.15 22.43 28.24
CA ARG A 585 -9.79 21.07 28.61
C ARG A 585 -9.20 20.31 27.42
N ILE A 586 -9.55 20.73 26.21
CA ILE A 586 -9.00 20.07 25.03
C ILE A 586 -7.51 20.36 24.91
N ALA A 587 -7.13 21.62 25.04
CA ALA A 587 -5.71 21.95 25.05
C ALA A 587 -5.01 21.28 26.21
N ARG A 588 -5.69 21.16 27.35
CA ARG A 588 -5.12 20.42 28.48
C ARG A 588 -4.74 19.02 28.05
N ASP A 589 -5.73 18.22 27.64
CA ASP A 589 -5.44 16.86 27.19
C ASP A 589 -4.43 16.86 26.06
N ALA A 590 -4.43 17.90 25.25
CA ALA A 590 -3.60 17.93 24.06
C ALA A 590 -2.13 18.03 24.43
N LYS A 591 -1.76 19.08 25.14
CA LYS A 591 -0.35 19.37 25.44
C LYS A 591 0.07 18.93 26.83
N CYS A 592 -0.75 19.18 27.84
CA CYS A 592 -0.39 18.95 29.22
C CYS A 592 -0.02 17.50 29.54
N ASP A 593 -0.53 16.54 28.78
CA ASP A 593 -0.47 15.15 29.25
C ASP A 593 0.89 14.50 29.03
N TYR A 594 1.30 14.35 27.78
CA TYR A 594 2.50 13.57 27.44
C TYR A 594 3.33 14.32 26.41
N PRO A 595 4.16 15.25 26.86
CA PRO A 595 4.81 16.17 25.92
C PRO A 595 5.70 15.49 24.90
N ALA A 596 6.22 14.31 25.19
CA ALA A 596 7.13 13.66 24.27
C ALA A 596 6.45 12.71 23.31
N ALA A 597 5.12 12.65 23.32
CA ALA A 597 4.40 11.70 22.49
C ALA A 597 4.56 12.04 21.02
N CYS A 598 4.69 11.00 20.20
CA CYS A 598 4.79 11.19 18.75
C CYS A 598 3.61 12.00 18.23
N ASN A 599 2.40 11.52 18.51
CA ASN A 599 1.19 12.17 18.04
C ASN A 599 0.75 13.31 18.93
N ALA A 600 1.65 13.89 19.70
CA ALA A 600 1.28 14.97 20.60
C ALA A 600 1.20 16.28 19.83
N MET A 601 0.21 17.10 20.19
CA MET A 601 -0.02 18.35 19.50
C MET A 601 1.21 19.24 19.62
N GLU A 602 1.38 20.13 18.66
CA GLU A 602 2.52 21.01 18.67
C GLU A 602 2.20 22.41 18.22
N THR A 603 0.94 22.71 17.93
CA THR A 603 0.57 24.04 17.47
C THR A 603 -0.83 24.32 17.99
N LEU A 604 -1.47 25.33 17.41
CA LEU A 604 -2.83 25.71 17.74
C LEU A 604 -3.22 26.79 16.77
N LEU A 605 -4.53 26.97 16.59
CA LEU A 605 -5.04 27.94 15.65
C LEU A 605 -6.45 28.30 16.08
N ILE A 606 -6.77 29.58 16.01
CA ILE A 606 -8.05 30.06 16.54
C ILE A 606 -8.63 31.09 15.60
N HIS A 607 -9.95 31.06 15.46
CA HIS A 607 -10.71 32.12 14.82
C HIS A 607 -10.28 33.48 15.35
N GLU A 608 -9.73 34.32 14.47
CA GLU A 608 -9.21 35.60 14.91
C GLU A 608 -10.29 36.46 15.55
N ASP A 609 -11.54 36.33 15.09
CA ASP A 609 -12.59 37.17 15.63
C ASP A 609 -12.74 36.96 17.12
N LEU A 610 -12.66 35.71 17.58
CA LEU A 610 -12.81 35.43 19.00
C LEU A 610 -11.58 35.79 19.81
N MET A 611 -10.60 36.47 19.21
CA MET A 611 -9.59 37.13 20.02
C MET A 611 -10.24 38.03 21.06
N SER A 612 -11.37 38.64 20.69
CA SER A 612 -12.13 39.51 21.56
C SER A 612 -12.94 38.75 22.60
N GLY A 613 -12.69 37.46 22.79
CA GLY A 613 -13.41 36.68 23.78
C GLY A 613 -12.61 36.28 25.00
N ALA A 614 -11.45 36.90 25.24
CA ALA A 614 -10.57 36.61 26.36
C ALA A 614 -10.06 35.17 26.34
N ILE A 615 -10.37 34.42 25.28
CA ILE A 615 -9.92 33.03 25.19
C ILE A 615 -8.41 32.95 25.22
N PHE A 616 -7.73 33.88 24.54
CA PHE A 616 -6.28 33.84 24.49
C PHE A 616 -5.69 33.93 25.88
N GLY A 617 -6.15 34.91 26.66
CA GLY A 617 -5.65 35.03 28.02
C GLY A 617 -5.89 33.78 28.83
N ASP A 618 -7.09 33.21 28.73
CA ASP A 618 -7.40 32.01 29.50
C ASP A 618 -6.45 30.88 29.15
N VAL A 619 -6.29 30.60 27.86
CA VAL A 619 -5.48 29.46 27.46
C VAL A 619 -4.02 29.68 27.80
N CYS A 620 -3.52 30.90 27.63
CA CYS A 620 -2.10 31.11 27.88
C CYS A 620 -1.80 31.13 29.38
N ASN A 621 -2.67 31.76 30.16
CA ASN A 621 -2.51 31.66 31.61
C ASN A 621 -2.60 30.22 32.07
N MET A 622 -3.43 29.41 31.42
CA MET A 622 -3.49 27.99 31.77
C MET A 622 -2.18 27.31 31.43
N LEU A 623 -1.66 27.57 30.24
CA LEU A 623 -0.39 26.99 29.84
C LEU A 623 0.72 27.36 30.81
N LYS A 624 0.67 28.57 31.34
CA LYS A 624 1.65 28.96 32.34
C LYS A 624 1.40 28.24 33.66
N ARG A 625 0.14 28.07 34.03
CA ARG A 625 -0.19 27.25 35.19
C ARG A 625 0.40 25.86 35.06
N GLU A 626 0.50 25.36 33.82
CA GLU A 626 1.17 24.09 33.55
C GLU A 626 2.58 24.29 33.04
N GLY A 627 3.06 25.53 33.02
CA GLY A 627 4.44 25.81 32.67
C GLY A 627 4.81 25.33 31.29
N VAL A 628 4.28 25.99 30.26
CA VAL A 628 4.51 25.60 28.88
C VAL A 628 5.23 26.75 28.17
N LYS A 629 6.40 26.46 27.62
CA LYS A 629 7.13 27.47 26.86
C LYS A 629 6.32 27.87 25.64
N ILE A 630 6.36 29.16 25.30
CA ILE A 630 5.46 29.73 24.31
C ILE A 630 6.26 30.47 23.26
N TYR A 631 6.04 30.11 22.00
CA TYR A 631 6.41 30.94 20.87
C TYR A 631 5.12 31.28 20.13
N ALA A 632 5.25 31.94 18.98
CA ALA A 632 4.07 32.36 18.23
C ALA A 632 4.49 32.65 16.80
N GLY A 633 3.60 33.28 16.06
CA GLY A 633 3.82 33.49 14.65
C GLY A 633 3.53 34.90 14.22
N PRO A 634 3.77 35.18 12.94
CA PRO A 634 3.81 36.58 12.48
C PRO A 634 2.52 37.33 12.71
N ARG A 635 1.37 36.72 12.44
CA ARG A 635 0.11 37.43 12.63
C ARG A 635 -0.09 37.78 14.09
N LEU A 636 0.30 36.88 14.99
CA LEU A 636 0.23 37.19 16.41
C LEU A 636 1.20 38.30 16.75
N ASN A 637 2.38 38.30 16.14
CA ASN A 637 3.31 39.41 16.30
C ASN A 637 2.66 40.71 15.89
N GLN A 638 1.80 40.65 14.88
CA GLN A 638 1.11 41.85 14.44
C GLN A 638 0.11 42.32 15.50
N GLN A 639 -0.82 41.44 15.85
CA GLN A 639 -2.01 41.90 16.57
C GLN A 639 -1.68 42.43 17.96
N LEU A 640 -0.61 41.95 18.57
CA LEU A 640 -0.24 42.40 19.91
C LEU A 640 1.12 43.09 19.88
N THR A 641 1.43 43.79 20.96
CA THR A 641 2.66 44.59 21.04
C THR A 641 3.81 43.80 21.65
N PHE A 642 3.63 43.35 22.89
CA PHE A 642 4.74 42.80 23.66
C PHE A 642 5.10 41.40 23.20
N GLY A 643 4.17 40.46 23.35
CA GLY A 643 4.23 39.19 22.68
C GLY A 643 5.28 38.24 23.22
N PRO A 644 4.99 36.96 23.16
CA PRO A 644 5.98 35.94 23.46
C PRO A 644 7.10 35.97 22.42
N PRO A 645 8.17 35.22 22.63
CA PRO A 645 9.33 35.35 21.74
C PRO A 645 9.05 34.93 20.32
N ALA A 646 10.05 35.10 19.47
CA ALA A 646 9.93 34.73 18.07
C ALA A 646 9.90 33.22 17.93
N ALA A 647 9.79 32.77 16.68
CA ALA A 647 9.75 31.35 16.37
C ALA A 647 10.87 31.04 15.38
N LYS A 648 11.62 29.98 15.66
CA LYS A 648 12.71 29.59 14.77
C LYS A 648 12.17 29.25 13.39
N SER A 649 11.37 28.19 13.30
CA SER A 649 10.77 27.78 12.04
C SER A 649 9.47 27.06 12.34
N LEU A 650 8.43 27.40 11.60
CA LEU A 650 7.11 26.86 11.89
C LEU A 650 7.06 25.34 11.78
N LYS A 651 8.01 24.74 11.06
CA LYS A 651 8.04 23.29 10.88
C LYS A 651 8.90 22.59 11.91
N HIS A 652 9.03 23.17 13.10
CA HIS A 652 9.89 22.59 14.11
C HIS A 652 9.13 21.55 14.94
N GLU A 653 9.83 20.95 15.89
CA GLU A 653 9.25 20.01 16.83
C GLU A 653 10.03 20.11 18.13
N TYR A 654 9.33 19.91 19.25
CA TYR A 654 9.90 20.15 20.56
C TYR A 654 9.90 18.94 21.46
N GLY A 655 8.78 18.22 21.54
CA GLY A 655 8.69 17.09 22.43
C GLY A 655 8.65 17.43 23.91
N ALA A 656 8.64 18.70 24.26
CA ALA A 656 8.55 19.12 25.65
C ALA A 656 7.52 20.24 25.77
N LEU A 657 7.48 20.93 26.90
CA LEU A 657 6.39 21.87 27.16
C LEU A 657 6.53 23.14 26.33
N GLU A 658 6.41 22.99 25.01
CA GLU A 658 6.51 24.10 24.08
C GLU A 658 5.47 23.91 22.99
N CYS A 659 4.66 24.93 22.73
CA CYS A 659 3.62 24.82 21.72
C CYS A 659 3.45 26.16 21.01
N CYS A 660 3.77 26.18 19.72
CA CYS A 660 3.60 27.38 18.94
C CYS A 660 2.12 27.71 18.80
N ILE A 661 1.83 28.94 18.40
CA ILE A 661 0.46 29.40 18.28
C ILE A 661 0.37 30.41 17.14
N GLU A 662 -0.58 30.20 16.24
CA GLU A 662 -0.91 31.15 15.18
C GLU A 662 -2.41 31.37 15.18
N VAL A 663 -2.86 32.29 14.35
CA VAL A 663 -4.29 32.57 14.19
C VAL A 663 -4.54 33.09 12.79
N VAL A 664 -5.66 32.68 12.20
CA VAL A 664 -6.04 33.11 10.85
C VAL A 664 -7.54 33.34 10.81
N PRO A 665 -7.99 34.18 9.86
CA PRO A 665 -9.43 34.45 9.76
C PRO A 665 -10.25 33.41 9.02
N SER A 666 -9.67 32.81 7.97
CA SER A 666 -10.41 31.97 7.05
C SER A 666 -10.25 30.50 7.41
N LEU A 667 -11.38 29.81 7.60
CA LEU A 667 -11.36 28.37 7.70
C LEU A 667 -10.54 27.78 6.56
N ASP A 668 -10.75 28.29 5.35
CA ASP A 668 -9.95 27.83 4.22
C ASP A 668 -8.49 28.21 4.39
N GLU A 669 -8.23 29.39 4.95
CA GLU A 669 -6.84 29.72 5.26
C GLU A 669 -6.27 28.72 6.24
N ALA A 670 -7.09 28.28 7.19
CA ALA A 670 -6.66 27.22 8.08
C ALA A 670 -6.27 25.98 7.30
N ILE A 671 -7.09 25.63 6.31
CA ILE A 671 -6.78 24.44 5.51
C ILE A 671 -5.45 24.62 4.82
N ASN A 672 -5.25 25.80 4.22
CA ASN A 672 -3.98 26.11 3.57
C ASN A 672 -2.83 25.90 4.52
N HIS A 673 -2.96 26.42 5.73
CA HIS A 673 -1.85 26.36 6.66
C HIS A 673 -1.55 24.92 7.04
N ILE A 674 -2.60 24.16 7.39
CA ILE A 674 -2.38 22.78 7.78
C ILE A 674 -1.70 22.01 6.67
N HIS A 675 -2.16 22.22 5.44
CA HIS A 675 -1.59 21.46 4.34
C HIS A 675 -0.23 21.99 3.91
N THR A 676 0.12 23.20 4.30
CA THR A 676 1.39 23.76 3.86
C THR A 676 2.52 23.46 4.83
N TYR A 677 2.29 23.63 6.14
CA TYR A 677 3.36 23.46 7.11
C TYR A 677 3.37 22.09 7.75
N GLY A 678 2.27 21.69 8.38
CA GLY A 678 2.29 20.47 9.15
C GLY A 678 2.46 19.25 8.28
N SER A 679 3.06 18.22 8.83
CA SER A 679 3.16 16.93 8.17
C SER A 679 1.87 16.25 8.07
N SER A 680 0.79 16.93 8.46
CA SER A 680 -0.55 16.41 8.33
C SER A 680 -0.67 15.02 8.95
N HIS A 681 -0.17 14.88 10.17
CA HIS A 681 -0.32 13.61 10.87
C HIS A 681 -1.68 13.49 11.55
N THR A 682 -2.30 14.60 11.90
CA THR A 682 -3.52 14.57 12.70
C THR A 682 -4.18 15.94 12.56
N ASP A 683 -5.29 16.13 13.27
CA ASP A 683 -6.08 17.35 13.21
C ASP A 683 -7.22 17.22 14.21
N VAL A 684 -7.97 18.30 14.39
CA VAL A 684 -9.14 18.30 15.26
C VAL A 684 -9.92 19.58 15.06
N ILE A 685 -11.25 19.49 15.14
CA ILE A 685 -12.11 20.65 15.11
C ILE A 685 -12.95 20.66 16.37
N VAL A 686 -13.24 21.85 16.89
CA VAL A 686 -14.09 22.00 18.05
C VAL A 686 -15.04 23.16 17.81
N THR A 687 -16.33 22.85 17.72
CA THR A 687 -17.37 23.85 17.50
C THR A 687 -18.71 23.14 17.66
N GLU A 688 -19.81 23.84 17.36
CA GLU A 688 -21.11 23.19 17.31
C GLU A 688 -21.73 23.15 15.92
N ASN A 689 -21.36 24.06 15.04
CA ASN A 689 -21.88 24.01 13.67
C ASN A 689 -21.33 22.79 12.96
N ASP A 690 -22.21 22.07 12.27
CA ASP A 690 -21.77 20.95 11.46
C ASP A 690 -21.27 21.40 10.10
N ALA A 691 -21.89 22.44 9.54
CA ALA A 691 -21.59 22.84 8.17
C ALA A 691 -20.11 23.12 8.00
N ALA A 692 -19.59 24.09 8.75
CA ALA A 692 -18.15 24.30 8.76
C ALA A 692 -17.41 23.04 9.14
N ALA A 693 -17.90 22.35 10.17
CA ALA A 693 -17.26 21.12 10.59
C ALA A 693 -17.22 20.11 9.46
N ARG A 694 -18.36 19.88 8.82
CA ARG A 694 -18.41 18.82 7.82
C ARG A 694 -17.58 19.19 6.61
N GLN A 695 -17.57 20.47 6.23
CA GLN A 695 -16.72 20.89 5.13
C GLN A 695 -15.27 20.67 5.47
N PHE A 696 -14.86 21.03 6.68
CA PHE A 696 -13.50 20.79 7.12
C PHE A 696 -13.16 19.31 6.99
N LEU A 697 -13.89 18.47 7.73
CA LEU A 697 -13.63 17.05 7.72
C LEU A 697 -13.53 16.52 6.30
N GLY A 698 -14.43 16.96 5.42
CA GLY A 698 -14.34 16.55 4.04
C GLY A 698 -13.16 17.16 3.32
N SER A 699 -12.52 18.17 3.90
CA SER A 699 -11.48 18.87 3.16
C SER A 699 -10.09 18.32 3.42
N VAL A 700 -9.61 18.42 4.66
CA VAL A 700 -8.20 18.19 4.94
C VAL A 700 -7.83 16.74 4.65
N ASP A 701 -6.56 16.53 4.33
CA ASP A 701 -6.02 15.21 3.99
C ASP A 701 -4.93 14.85 4.99
N SER A 702 -5.21 15.01 6.27
CA SER A 702 -4.27 14.57 7.28
C SER A 702 -4.31 13.04 7.35
N ALA A 703 -3.63 12.46 8.33
CA ALA A 703 -3.76 11.02 8.54
C ALA A 703 -4.98 10.65 9.36
N CYS A 704 -5.75 11.63 9.82
CA CYS A 704 -7.04 11.43 10.46
C CYS A 704 -7.57 12.82 10.76
N VAL A 705 -8.80 12.86 11.25
CA VAL A 705 -9.42 14.09 11.73
C VAL A 705 -10.27 13.74 12.95
N PHE A 706 -10.78 14.76 13.62
CA PHE A 706 -11.61 14.53 14.78
C PHE A 706 -12.62 15.66 14.89
N HIS A 707 -13.56 15.50 15.82
CA HIS A 707 -14.54 16.54 16.07
C HIS A 707 -14.82 16.52 17.57
N ASN A 708 -14.22 17.46 18.29
CA ASN A 708 -14.27 17.50 19.75
C ASN A 708 -13.63 16.25 20.36
N ALA A 709 -12.35 16.07 20.08
CA ALA A 709 -11.59 14.97 20.65
C ALA A 709 -10.22 15.51 21.01
N SER A 710 -9.28 14.60 21.24
CA SER A 710 -7.94 14.97 21.68
C SER A 710 -6.93 14.23 20.84
N SER A 711 -6.03 14.97 20.19
CA SER A 711 -5.08 14.36 19.27
C SER A 711 -4.27 13.28 19.96
N ARG A 712 -4.34 13.22 21.28
CA ARG A 712 -3.82 12.06 21.98
C ARG A 712 -4.64 10.81 21.73
N PHE A 713 -5.77 10.94 21.03
CA PHE A 713 -6.60 9.76 20.79
C PHE A 713 -5.96 8.80 19.81
N ALA A 714 -5.17 9.30 18.86
CA ALA A 714 -4.66 8.43 17.80
C ALA A 714 -3.59 7.51 18.34
N ASP A 715 -3.98 6.32 18.78
CA ASP A 715 -2.99 5.30 19.12
C ASP A 715 -3.43 3.89 18.74
N GLY A 716 -4.53 3.73 18.02
CA GLY A 716 -4.98 2.39 17.67
C GLY A 716 -5.67 1.66 18.80
N PHE A 717 -4.99 1.50 19.93
CA PHE A 717 -5.63 0.89 21.08
C PHE A 717 -6.88 1.67 21.48
N ARG A 718 -6.84 2.99 21.34
CA ARG A 718 -8.03 3.80 21.59
C ARG A 718 -9.09 3.64 20.51
N PHE A 719 -8.75 3.05 19.37
CA PHE A 719 -9.70 2.82 18.30
C PHE A 719 -10.34 1.44 18.37
N GLY A 720 -10.08 0.68 19.43
CA GLY A 720 -10.52 -0.69 19.50
C GLY A 720 -9.99 -1.49 18.33
N LEU A 721 -8.88 -1.04 17.77
CA LEU A 721 -8.34 -1.55 16.53
C LEU A 721 -7.38 -2.71 16.75
N GLY A 722 -7.30 -3.25 17.95
CA GLY A 722 -6.27 -4.20 18.26
C GLY A 722 -4.91 -3.53 18.37
N ALA A 723 -4.01 -4.19 19.09
CA ALA A 723 -2.72 -3.58 19.40
C ALA A 723 -2.01 -3.19 18.12
N GLU A 724 -1.80 -1.90 17.93
CA GLU A 724 -1.19 -1.40 16.71
C GLU A 724 0.25 -1.86 16.61
N VAL A 725 0.86 -1.61 15.46
CA VAL A 725 2.27 -1.94 15.23
C VAL A 725 3.11 -0.72 14.95
N GLY A 726 2.51 0.46 14.83
CA GLY A 726 3.26 1.67 14.52
C GLY A 726 2.30 2.78 14.20
N ILE A 727 2.79 3.79 13.52
CA ILE A 727 1.94 4.85 13.01
C ILE A 727 2.47 5.28 11.66
N SER A 728 1.67 5.16 10.62
CA SER A 728 2.10 5.51 9.28
C SER A 728 1.50 6.85 8.89
N THR A 729 2.29 7.68 8.23
CA THR A 729 1.79 8.88 7.58
C THR A 729 2.08 8.89 6.08
N ALA A 730 2.71 7.84 5.56
CA ALA A 730 3.04 7.77 4.15
C ALA A 730 1.77 7.85 3.31
N ARG A 731 1.96 8.12 2.02
CA ARG A 731 0.84 8.30 1.12
C ARG A 731 0.25 7.00 0.62
N ILE A 732 0.59 5.86 1.22
CA ILE A 732 0.21 4.62 0.57
C ILE A 732 0.07 3.51 1.61
N HIS A 733 -0.95 2.68 1.40
CA HIS A 733 -1.03 1.32 1.96
C HIS A 733 -1.38 1.26 3.44
N ALA A 734 -1.34 2.39 4.12
CA ALA A 734 -1.61 2.42 5.54
C ALA A 734 -1.67 3.87 5.98
N ARG A 735 -2.58 4.16 6.90
CA ARG A 735 -2.70 5.53 7.35
C ARG A 735 -3.05 5.53 8.83
N GLY A 736 -2.51 6.52 9.55
CA GLY A 736 -2.74 6.64 10.97
C GLY A 736 -2.41 5.36 11.70
N PRO A 737 -3.28 4.96 12.59
CA PRO A 737 -3.12 3.67 13.27
C PRO A 737 -3.03 2.52 12.29
N VAL A 738 -1.87 1.89 12.25
CA VAL A 738 -1.67 0.75 11.37
C VAL A 738 -2.06 -0.49 12.15
N GLY A 739 -3.30 -0.89 12.01
CA GLY A 739 -3.78 -2.10 12.64
C GLY A 739 -3.09 -3.31 12.07
N VAL A 740 -3.43 -4.46 12.63
CA VAL A 740 -2.82 -5.69 12.15
C VAL A 740 -3.18 -5.93 10.69
N GLU A 741 -4.32 -5.42 10.23
CA GLU A 741 -4.66 -5.58 8.83
C GLU A 741 -3.65 -4.90 7.92
N GLY A 742 -2.89 -3.94 8.43
CA GLY A 742 -1.92 -3.24 7.62
C GLY A 742 -0.70 -4.08 7.32
N LEU A 743 -0.81 -5.39 7.50
CA LEU A 743 0.27 -6.31 7.21
C LEU A 743 -0.14 -7.40 6.23
N LEU A 744 -1.21 -7.17 5.46
CA LEU A 744 -1.74 -8.20 4.58
C LEU A 744 -1.85 -7.66 3.16
N THR A 745 -1.83 -8.59 2.20
CA THR A 745 -1.94 -8.25 0.80
C THR A 745 -2.93 -9.22 0.14
N THR A 746 -2.96 -9.19 -1.18
CA THR A 746 -3.95 -9.91 -1.96
C THR A 746 -3.30 -10.97 -2.84
N LYS A 747 -4.12 -11.88 -3.33
CA LYS A 747 -3.65 -12.96 -4.19
C LYS A 747 -4.88 -13.53 -4.88
N TRP A 748 -4.96 -13.36 -6.21
CA TRP A 748 -6.12 -13.81 -6.95
C TRP A 748 -5.99 -15.26 -7.33
N ILE A 749 -7.05 -16.03 -7.13
CA ILE A 749 -7.05 -17.42 -7.54
C ILE A 749 -8.24 -17.64 -8.46
N LEU A 750 -8.10 -18.61 -9.35
CA LEU A 750 -9.11 -18.92 -10.34
C LEU A 750 -9.15 -20.43 -10.55
N GLU A 751 -10.35 -20.99 -10.56
CA GLU A 751 -10.53 -22.43 -10.74
C GLU A 751 -11.45 -22.66 -11.94
N GLY A 752 -10.87 -22.62 -13.13
CA GLY A 752 -11.63 -22.91 -14.33
C GLY A 752 -11.54 -24.37 -14.72
N GLN A 753 -12.25 -24.72 -15.79
CA GLN A 753 -12.23 -26.09 -16.29
C GLN A 753 -11.22 -26.27 -17.43
N ASP A 754 -11.45 -25.57 -18.55
CA ASP A 754 -10.58 -25.73 -19.71
C ASP A 754 -10.40 -24.44 -20.48
N HIS A 755 -10.46 -23.30 -19.82
CA HIS A 755 -10.68 -22.05 -20.51
C HIS A 755 -9.38 -21.46 -21.03
N ALA A 756 -9.49 -20.35 -21.76
CA ALA A 756 -8.36 -19.73 -22.41
C ALA A 756 -8.73 -18.28 -22.73
N ALA A 757 -7.77 -17.54 -23.27
CA ALA A 757 -7.99 -16.13 -23.57
C ALA A 757 -8.62 -15.91 -24.94
N ALA A 758 -8.05 -16.53 -25.97
CA ALA A 758 -8.61 -16.39 -27.32
C ALA A 758 -9.97 -17.06 -27.42
N ASP A 759 -10.24 -18.06 -26.60
CA ASP A 759 -11.53 -18.73 -26.63
C ASP A 759 -12.67 -17.77 -26.28
N PHE A 760 -12.38 -16.74 -25.47
CA PHE A 760 -13.41 -15.78 -25.11
C PHE A 760 -13.75 -14.83 -26.24
N ALA A 761 -12.89 -14.70 -27.23
CA ALA A 761 -13.18 -13.84 -28.36
C ALA A 761 -14.36 -14.41 -29.16
N GLU A 762 -14.74 -13.70 -30.22
CA GLU A 762 -15.91 -14.11 -31.01
C GLU A 762 -15.77 -15.51 -31.60
N GLY A 763 -14.54 -16.02 -31.69
CA GLY A 763 -14.34 -17.36 -32.23
C GLY A 763 -14.84 -18.48 -31.34
N GLY A 764 -15.19 -18.19 -30.09
CA GLY A 764 -15.61 -19.21 -29.16
C GLY A 764 -16.89 -18.81 -28.45
N GLY A 765 -17.52 -19.82 -27.84
CA GLY A 765 -18.75 -19.60 -27.12
C GLY A 765 -18.52 -19.27 -25.67
N ARG A 766 -17.69 -18.27 -25.40
CA ARG A 766 -17.38 -17.83 -24.06
C ARG A 766 -17.81 -16.39 -23.88
N THR A 767 -18.46 -16.10 -22.76
CA THR A 767 -18.98 -14.77 -22.48
C THR A 767 -18.63 -14.37 -21.06
N TRP A 768 -18.77 -13.08 -20.78
CA TRP A 768 -18.51 -12.54 -19.45
C TRP A 768 -19.83 -12.26 -18.76
N LEU A 769 -19.88 -12.54 -17.46
CA LEU A 769 -21.09 -12.36 -16.66
C LEU A 769 -20.92 -11.32 -15.56
N HIS A 770 -19.86 -11.44 -14.76
CA HIS A 770 -19.59 -10.51 -13.66
C HIS A 770 -20.73 -10.52 -12.63
N GLU A 771 -21.05 -11.71 -12.15
CA GLU A 771 -22.05 -11.89 -11.08
C GLU A 771 -21.31 -11.96 -9.74
N THR A 772 -21.46 -10.91 -8.94
CA THR A 772 -20.78 -10.84 -7.65
C THR A 772 -21.47 -11.80 -6.69
N LEU A 773 -20.90 -12.99 -6.53
CA LEU A 773 -21.46 -13.96 -5.61
C LEU A 773 -21.38 -13.45 -4.18
N PRO A 774 -22.21 -13.99 -3.28
CA PRO A 774 -22.06 -13.68 -1.86
C PRO A 774 -20.76 -14.25 -1.34
N LEU A 775 -19.89 -13.37 -0.83
CA LEU A 775 -18.61 -13.82 -0.32
C LEU A 775 -18.82 -14.79 0.84
N ASP A 776 -18.08 -15.89 0.81
CA ASP A 776 -18.27 -16.98 1.76
C ASP A 776 -18.09 -16.49 3.18
N PRO B 347 6.04 26.08 -16.85
CA PRO B 347 6.98 25.65 -15.80
C PRO B 347 6.68 24.24 -15.32
N VAL B 348 7.17 23.86 -14.15
CA VAL B 348 7.03 22.49 -13.70
C VAL B 348 6.27 22.40 -12.39
N GLU B 349 6.84 23.00 -11.34
CA GLU B 349 6.26 22.84 -10.02
C GLU B 349 4.87 23.47 -9.94
N VAL B 350 4.71 24.65 -10.54
CA VAL B 350 3.41 25.31 -10.54
C VAL B 350 2.36 24.38 -11.11
N MET B 351 2.73 23.54 -12.07
CA MET B 351 1.80 22.52 -12.55
C MET B 351 1.36 21.63 -11.40
N ALA B 352 2.33 21.09 -10.65
CA ALA B 352 1.99 20.18 -9.56
C ALA B 352 1.08 20.85 -8.55
N GLU B 353 1.33 22.11 -8.26
CA GLU B 353 0.51 22.77 -7.26
C GLU B 353 -0.88 23.06 -7.79
N ASN B 354 -0.98 23.47 -9.06
CA ASN B 354 -2.28 23.56 -9.69
C ASN B 354 -3.01 22.23 -9.58
N ALA B 355 -2.26 21.14 -9.72
CA ALA B 355 -2.86 19.82 -9.67
C ALA B 355 -3.45 19.54 -8.29
N ARG B 356 -2.66 19.77 -7.25
CA ARG B 356 -3.15 19.55 -5.89
C ARG B 356 -4.38 20.39 -5.61
N THR B 357 -4.31 21.68 -5.94
CA THR B 357 -5.45 22.56 -5.76
C THR B 357 -6.68 21.99 -6.41
N GLY B 358 -6.58 21.64 -7.69
CA GLY B 358 -7.75 21.13 -8.39
C GLY B 358 -8.22 19.80 -7.85
N SER B 359 -7.31 18.98 -7.34
CA SER B 359 -7.72 17.75 -6.69
C SER B 359 -8.69 18.06 -5.57
N ARG B 360 -8.28 18.92 -4.66
CA ARG B 360 -9.20 19.30 -3.59
C ARG B 360 -10.45 19.97 -4.15
N GLN B 361 -10.30 20.67 -5.27
CA GLN B 361 -11.45 21.32 -5.89
C GLN B 361 -12.53 20.30 -6.22
N MET B 362 -12.21 19.37 -7.09
CA MET B 362 -13.15 18.34 -7.46
C MET B 362 -13.39 17.32 -6.35
N GLN B 363 -12.72 17.48 -5.20
CA GLN B 363 -12.91 16.53 -4.12
C GLN B 363 -14.34 16.50 -3.60
N ALA B 364 -14.99 17.65 -3.53
CA ALA B 364 -16.32 17.75 -2.93
C ALA B 364 -17.45 17.67 -3.95
N LEU B 365 -17.24 16.97 -5.05
CA LEU B 365 -18.16 16.96 -6.18
C LEU B 365 -18.39 15.55 -6.69
N THR B 366 -18.77 14.65 -5.80
CA THR B 366 -19.06 13.30 -6.27
C THR B 366 -20.44 13.13 -6.94
N PRO B 367 -21.54 13.71 -6.41
CA PRO B 367 -22.85 13.16 -6.76
C PRO B 367 -23.23 13.42 -8.21
N ALA B 368 -23.12 12.38 -9.03
CA ALA B 368 -23.41 12.42 -10.46
C ALA B 368 -22.56 13.45 -11.19
N GLN B 369 -21.56 14.02 -10.52
CA GLN B 369 -20.77 15.05 -11.17
C GLN B 369 -19.71 14.44 -12.08
N ARG B 370 -18.82 13.65 -11.51
CA ARG B 370 -17.70 13.12 -12.28
C ARG B 370 -18.18 12.06 -13.28
N ALA B 371 -19.24 11.34 -12.94
CA ALA B 371 -19.87 10.48 -13.94
C ALA B 371 -20.31 11.29 -15.14
N SER B 372 -21.03 12.39 -14.90
CA SER B 372 -21.40 13.27 -16.00
C SER B 372 -20.18 13.79 -16.73
N ALA B 373 -19.09 14.04 -16.00
CA ALA B 373 -17.89 14.58 -16.60
C ALA B 373 -17.31 13.61 -17.63
N VAL B 374 -17.11 12.36 -17.21
CA VAL B 374 -16.60 11.38 -18.17
C VAL B 374 -17.63 11.07 -19.25
N ASN B 375 -18.93 11.22 -18.96
CA ASN B 375 -19.93 11.11 -20.02
C ASN B 375 -19.67 12.12 -21.12
N THR B 376 -19.62 13.40 -20.74
CA THR B 376 -19.31 14.43 -21.71
C THR B 376 -17.96 14.21 -22.35
N LEU B 377 -17.02 13.59 -21.63
CA LEU B 377 -15.74 13.30 -22.25
C LEU B 377 -15.90 12.31 -23.39
N ALA B 378 -16.68 11.25 -23.16
CA ALA B 378 -16.95 10.32 -24.24
C ALA B 378 -17.64 11.01 -25.41
N ASP B 379 -18.60 11.89 -25.10
CA ASP B 379 -19.30 12.61 -26.16
C ASP B 379 -18.33 13.44 -26.99
N LEU B 380 -17.47 14.20 -26.32
CA LEU B 380 -16.46 14.98 -27.02
C LEU B 380 -15.54 14.08 -27.83
N LEU B 381 -15.20 12.92 -27.28
CA LEU B 381 -14.36 11.97 -28.01
C LEU B 381 -15.03 11.54 -29.30
N VAL B 382 -16.35 11.40 -29.29
CA VAL B 382 -17.07 10.94 -30.47
C VAL B 382 -17.52 12.10 -31.36
N SER B 383 -17.27 13.35 -30.93
CA SER B 383 -17.70 14.50 -31.71
C SER B 383 -16.58 15.33 -32.31
N ARG B 384 -15.32 15.02 -32.06
CA ARG B 384 -14.19 15.76 -32.62
C ARG B 384 -13.14 14.79 -33.15
N GLU B 385 -13.60 13.79 -33.88
CA GLU B 385 -12.74 12.68 -34.29
C GLU B 385 -11.82 13.10 -35.43
N LYS B 386 -12.39 13.73 -36.46
CA LYS B 386 -11.58 14.12 -37.62
C LYS B 386 -10.35 14.89 -37.19
N PHE B 387 -10.52 15.81 -36.24
CA PHE B 387 -9.41 16.54 -35.66
C PHE B 387 -8.34 15.57 -35.14
N ILE B 388 -8.71 14.73 -34.17
CA ILE B 388 -7.70 13.89 -33.53
C ILE B 388 -7.24 12.80 -34.47
N LEU B 389 -8.12 12.26 -35.32
CA LEU B 389 -7.71 11.25 -36.27
C LEU B 389 -6.64 11.80 -37.21
N ASP B 390 -6.90 12.98 -37.77
CA ASP B 390 -5.92 13.56 -38.69
C ASP B 390 -4.63 13.92 -37.97
N ALA B 391 -4.74 14.36 -36.71
CA ALA B 391 -3.54 14.67 -35.95
C ALA B 391 -2.67 13.42 -35.78
N ASN B 392 -3.26 12.34 -35.29
CA ASN B 392 -2.53 11.08 -35.17
C ASN B 392 -1.94 10.67 -36.51
N ALA B 393 -2.74 10.74 -37.57
CA ALA B 393 -2.27 10.31 -38.88
C ALA B 393 -1.05 11.09 -39.31
N LYS B 394 -1.15 12.42 -39.31
CA LYS B 394 -0.05 13.24 -39.79
C LYS B 394 1.19 13.07 -38.92
N ASP B 395 1.00 12.99 -37.60
CA ASP B 395 2.17 12.94 -36.73
C ASP B 395 2.88 11.60 -36.87
N LEU B 396 2.12 10.50 -36.93
CA LEU B 396 2.75 9.20 -37.12
C LEU B 396 3.42 9.11 -38.48
N ALA B 397 2.79 9.69 -39.51
CA ALA B 397 3.39 9.67 -40.84
C ALA B 397 4.71 10.41 -40.84
N GLU B 398 4.75 11.59 -40.21
CA GLU B 398 6.00 12.32 -40.10
C GLU B 398 7.04 11.53 -39.32
N ALA B 399 6.60 10.76 -38.33
CA ALA B 399 7.56 9.95 -37.58
C ALA B 399 8.07 8.77 -38.39
N GLN B 400 7.28 8.30 -39.36
CA GLN B 400 7.66 7.12 -40.12
C GLN B 400 8.98 7.31 -40.86
N LYS B 401 9.20 8.51 -41.40
CA LYS B 401 10.43 8.78 -42.13
C LYS B 401 11.67 8.42 -41.31
N SER B 402 11.59 8.62 -40.00
CA SER B 402 12.69 8.23 -39.12
C SER B 402 12.78 6.71 -39.02
N GLY B 403 11.65 6.06 -38.76
CA GLY B 403 11.66 4.62 -38.57
C GLY B 403 12.47 4.21 -37.37
N LEU B 404 12.00 4.56 -36.17
CA LEU B 404 12.80 4.36 -34.97
C LEU B 404 12.70 2.93 -34.46
N ALA B 405 11.50 2.35 -34.41
CA ALA B 405 11.33 0.99 -33.94
C ALA B 405 9.93 0.49 -34.28
N LYS B 406 9.86 -0.74 -34.79
CA LYS B 406 8.60 -1.33 -35.20
C LYS B 406 7.61 -1.55 -34.05
N PRO B 407 8.04 -1.92 -32.83
CA PRO B 407 7.02 -2.04 -31.77
C PRO B 407 6.31 -0.73 -31.51
N LEU B 408 7.07 0.35 -31.40
CA LEU B 408 6.47 1.67 -31.31
C LEU B 408 5.66 1.98 -32.56
N LEU B 409 6.31 2.01 -33.73
CA LEU B 409 5.64 2.36 -34.97
C LEU B 409 4.42 1.50 -35.25
N SER B 410 4.21 0.43 -34.48
CA SER B 410 2.99 -0.35 -34.53
C SER B 410 1.99 0.13 -33.48
N ARG B 411 2.43 0.23 -32.22
CA ARG B 411 1.54 0.68 -31.16
C ARG B 411 0.99 2.07 -31.42
N LEU B 412 1.69 2.88 -32.21
CA LEU B 412 1.27 4.24 -32.51
C LEU B 412 -0.04 4.30 -33.27
N SER B 413 -0.50 3.19 -33.83
CA SER B 413 -1.67 3.19 -34.68
C SER B 413 -2.89 3.71 -33.92
N LEU B 414 -3.88 4.15 -34.69
CA LEU B 414 -5.14 4.62 -34.14
C LEU B 414 -6.16 4.75 -35.27
N ASN B 415 -7.35 4.20 -35.05
CA ASN B 415 -8.38 4.15 -36.07
C ASN B 415 -9.73 4.33 -35.41
N PRO B 416 -10.76 4.66 -36.17
CA PRO B 416 -12.12 4.80 -35.59
C PRO B 416 -12.56 3.60 -34.78
N ALA B 417 -12.06 2.40 -35.08
CA ALA B 417 -12.40 1.24 -34.25
C ALA B 417 -11.87 1.43 -32.83
N LYS B 418 -10.60 1.80 -32.69
CA LYS B 418 -10.05 2.05 -31.38
C LYS B 418 -10.76 3.19 -30.68
N LEU B 419 -11.23 4.18 -31.45
CA LEU B 419 -11.96 5.28 -30.83
C LEU B 419 -13.29 4.82 -30.28
N LYS B 420 -14.02 4.01 -31.04
CA LYS B 420 -15.25 3.43 -30.50
C LYS B 420 -14.95 2.61 -29.26
N ASN B 421 -13.85 1.87 -29.28
CA ASN B 421 -13.48 1.04 -28.13
C ASN B 421 -13.23 1.90 -26.89
N LEU B 422 -12.46 2.98 -27.06
CA LEU B 422 -12.22 3.87 -25.92
C LEU B 422 -13.50 4.49 -25.43
N SER B 423 -14.37 4.92 -26.35
CA SER B 423 -15.64 5.51 -25.95
C SER B 423 -16.43 4.54 -25.08
N VAL B 424 -16.54 3.28 -25.52
CA VAL B 424 -17.37 2.35 -24.76
C VAL B 424 -16.71 1.99 -23.45
N GLY B 425 -15.38 1.84 -23.43
CA GLY B 425 -14.71 1.55 -22.19
C GLY B 425 -14.89 2.65 -21.16
N LEU B 426 -14.76 3.90 -21.59
CA LEU B 426 -14.95 5.01 -20.67
C LEU B 426 -16.41 5.12 -20.25
N LYS B 427 -17.33 4.75 -21.12
CA LYS B 427 -18.73 4.64 -20.69
C LYS B 427 -18.87 3.62 -19.57
N GLN B 428 -18.20 2.49 -19.71
CA GLN B 428 -18.28 1.47 -18.66
C GLN B 428 -17.73 2.00 -17.35
N ILE B 429 -16.59 2.69 -17.43
CA ILE B 429 -15.98 3.28 -16.23
C ILE B 429 -16.94 4.27 -15.59
N ALA B 430 -17.56 5.13 -16.41
CA ALA B 430 -18.57 6.04 -15.90
C ALA B 430 -19.64 5.29 -15.13
N GLU B 431 -20.17 4.24 -15.74
CA GLU B 431 -21.27 3.51 -15.13
C GLU B 431 -20.87 2.93 -13.78
N ASP B 432 -19.77 2.19 -13.74
CA ASP B 432 -19.40 1.48 -12.52
C ASP B 432 -18.64 2.35 -11.53
N SER B 433 -18.39 3.62 -11.86
CA SER B 433 -17.60 4.50 -11.01
C SER B 433 -18.47 5.38 -10.14
N HIS B 434 -19.61 4.85 -9.69
CA HIS B 434 -20.56 5.67 -8.95
C HIS B 434 -20.00 6.12 -7.62
N LYS B 435 -19.64 5.16 -6.75
CA LYS B 435 -19.36 5.43 -5.36
C LYS B 435 -18.00 4.91 -4.94
N ASN B 436 -16.97 5.21 -5.73
CA ASN B 436 -15.62 4.82 -5.34
C ASN B 436 -14.95 5.86 -4.46
N VAL B 437 -15.62 6.96 -4.16
CA VAL B 437 -15.11 7.98 -3.25
C VAL B 437 -16.21 8.28 -2.24
N GLY B 438 -15.81 8.81 -1.09
CA GLY B 438 -16.78 9.10 -0.05
C GLY B 438 -17.46 7.86 0.48
N ARG B 439 -16.77 6.73 0.50
CA ARG B 439 -17.32 5.48 0.97
C ARG B 439 -16.90 5.23 2.42
N VAL B 440 -17.79 4.64 3.20
CA VAL B 440 -17.48 4.22 4.55
C VAL B 440 -16.95 2.81 4.50
N LEU B 441 -16.18 2.42 5.52
CA LEU B 441 -15.66 1.06 5.55
C LEU B 441 -15.91 0.40 6.89
N ARG B 442 -15.92 1.18 7.96
CA ARG B 442 -16.27 0.67 9.27
C ARG B 442 -17.15 1.70 9.97
N ARG B 443 -18.00 1.21 10.87
CA ARG B 443 -18.82 2.08 11.70
C ARG B 443 -18.72 1.56 13.12
N THR B 444 -17.96 2.24 13.95
CA THR B 444 -17.63 1.71 15.27
C THR B 444 -17.81 2.80 16.30
N ARG B 445 -18.26 2.38 17.48
CA ARG B 445 -18.41 3.28 18.62
C ARG B 445 -17.46 2.85 19.74
N LEU B 446 -17.11 3.81 20.58
CA LEU B 446 -16.28 3.57 21.76
C LEU B 446 -17.02 3.85 23.06
N ALA B 447 -17.66 5.00 23.17
CA ALA B 447 -18.48 5.35 24.32
C ALA B 447 -19.63 6.21 23.82
N ASP B 448 -20.40 6.76 24.76
CA ASP B 448 -21.57 7.55 24.40
C ASP B 448 -21.16 8.68 23.48
N GLN B 449 -21.86 8.79 22.35
CA GLN B 449 -21.64 9.86 21.37
C GLN B 449 -20.21 9.83 20.82
N LEU B 450 -19.56 8.68 20.84
CA LEU B 450 -18.18 8.55 20.38
C LEU B 450 -18.12 7.51 19.28
N GLU B 451 -18.39 7.93 18.05
CA GLU B 451 -18.41 7.05 16.90
C GLU B 451 -17.34 7.46 15.92
N LEU B 452 -16.81 6.50 15.18
CA LEU B 452 -15.85 6.79 14.14
C LEU B 452 -16.21 6.00 12.89
N LYS B 453 -15.40 6.17 11.85
CA LYS B 453 -15.57 5.42 10.62
C LYS B 453 -14.21 5.40 9.94
N GLN B 454 -14.19 5.02 8.67
CA GLN B 454 -12.94 4.99 7.92
C GLN B 454 -13.27 5.24 6.45
N VAL B 455 -13.26 6.49 6.05
CA VAL B 455 -13.77 6.88 4.77
C VAL B 455 -12.65 6.75 3.75
N THR B 456 -13.00 6.78 2.47
CA THR B 456 -12.01 6.72 1.39
C THR B 456 -11.65 8.12 0.92
N VAL B 457 -10.58 8.21 0.14
CA VAL B 457 -9.94 9.49 -0.14
C VAL B 457 -8.89 9.31 -1.23
N PRO B 458 -8.71 10.27 -2.10
CA PRO B 458 -7.71 10.14 -3.18
C PRO B 458 -6.30 9.88 -2.69
N ILE B 459 -5.39 9.60 -3.61
CA ILE B 459 -3.99 9.45 -3.26
C ILE B 459 -3.24 10.77 -3.34
N GLY B 460 -3.59 11.64 -4.28
CA GLY B 460 -2.90 12.89 -4.39
C GLY B 460 -2.56 13.27 -5.82
N VAL B 461 -1.28 13.43 -6.14
CA VAL B 461 -0.87 13.96 -7.42
C VAL B 461 -0.05 12.89 -8.14
N LEU B 462 -0.70 12.14 -9.01
CA LEU B 462 -0.06 11.04 -9.71
C LEU B 462 0.69 11.56 -10.92
N LEU B 463 1.74 10.86 -11.29
CA LEU B 463 2.58 11.23 -12.43
C LEU B 463 2.77 9.99 -13.30
N VAL B 464 1.95 9.86 -14.32
CA VAL B 464 2.00 8.70 -15.20
C VAL B 464 2.99 8.97 -16.32
N ILE B 465 3.79 7.96 -16.63
CA ILE B 465 4.83 8.05 -17.63
C ILE B 465 4.65 6.89 -18.58
N PHE B 466 4.60 7.19 -19.88
CA PHE B 466 4.47 6.10 -20.84
C PHE B 466 4.99 6.54 -22.20
N GLU B 467 5.60 5.60 -22.91
CA GLU B 467 5.87 5.77 -24.32
C GLU B 467 4.53 5.99 -25.02
N SER B 468 4.52 6.80 -26.08
CA SER B 468 3.26 7.36 -26.59
C SER B 468 2.42 6.24 -27.20
N ARG B 469 1.51 5.72 -26.38
CA ARG B 469 0.44 4.86 -26.82
C ARG B 469 -0.83 5.66 -26.60
N PRO B 470 -1.14 6.61 -27.48
CA PRO B 470 -2.20 7.58 -27.20
C PRO B 470 -3.56 6.95 -27.01
N ASP B 471 -3.69 5.64 -27.21
CA ASP B 471 -4.90 4.96 -26.76
C ASP B 471 -4.96 4.87 -25.24
N SER B 472 -3.91 5.28 -24.55
CA SER B 472 -3.89 5.24 -23.09
C SER B 472 -4.35 6.53 -22.45
N LEU B 473 -3.94 7.67 -22.99
CA LEU B 473 -4.20 8.95 -22.34
C LEU B 473 -5.64 9.14 -21.89
N PRO B 474 -6.66 8.96 -22.74
CA PRO B 474 -8.02 9.18 -22.25
C PRO B 474 -8.43 8.16 -21.23
N GLN B 475 -7.93 6.93 -21.35
CA GLN B 475 -8.15 5.92 -20.33
C GLN B 475 -7.77 6.46 -18.95
N VAL B 476 -6.49 6.80 -18.78
CA VAL B 476 -6.04 7.22 -17.47
C VAL B 476 -6.66 8.55 -17.09
N ALA B 477 -7.03 9.37 -18.07
CA ALA B 477 -7.66 10.63 -17.72
C ALA B 477 -9.00 10.40 -17.07
N ALA B 478 -9.81 9.51 -17.64
CA ALA B 478 -11.05 9.15 -16.99
C ALA B 478 -10.79 8.49 -15.67
N LEU B 479 -9.71 7.70 -15.57
CA LEU B 479 -9.35 7.09 -14.30
C LEU B 479 -9.17 8.15 -13.22
N ALA B 480 -8.30 9.12 -13.47
CA ALA B 480 -8.08 10.21 -12.54
C ALA B 480 -9.39 10.89 -12.20
N MET B 481 -10.14 11.31 -13.23
CA MET B 481 -11.34 12.09 -12.97
C MET B 481 -12.45 11.27 -12.34
N ALA B 482 -12.29 9.96 -12.26
CA ALA B 482 -13.23 9.14 -11.49
C ALA B 482 -12.76 8.97 -10.06
N SER B 483 -11.46 8.78 -9.86
CA SER B 483 -10.88 8.74 -8.53
C SER B 483 -10.48 10.12 -8.05
N ALA B 484 -10.82 11.16 -8.79
CA ALA B 484 -10.79 12.53 -8.31
C ALA B 484 -9.39 13.01 -7.98
N ASN B 485 -8.41 12.13 -8.02
CA ASN B 485 -7.03 12.53 -7.79
C ASN B 485 -6.47 13.18 -9.05
N GLY B 486 -6.06 14.43 -8.93
CA GLY B 486 -5.55 15.16 -10.07
C GLY B 486 -4.42 14.42 -10.74
N LEU B 487 -4.09 14.78 -11.99
CA LEU B 487 -3.17 13.97 -12.75
C LEU B 487 -2.23 14.81 -13.60
N LEU B 488 -0.96 14.44 -13.58
CA LEU B 488 0.01 14.86 -14.58
C LEU B 488 0.12 13.80 -15.66
N LEU B 489 0.83 14.14 -16.73
CA LEU B 489 1.09 13.18 -17.79
C LEU B 489 2.43 13.51 -18.43
N LYS B 490 3.14 12.48 -18.86
CA LYS B 490 4.46 12.70 -19.44
C LYS B 490 4.79 11.54 -20.35
N GLY B 491 4.75 11.76 -21.65
CA GLY B 491 5.09 10.76 -22.64
C GLY B 491 6.46 11.00 -23.25
N GLY B 492 6.62 10.58 -24.50
CA GLY B 492 7.84 10.80 -25.24
C GLY B 492 7.61 11.77 -26.40
N LYS B 493 8.71 12.08 -27.09
CA LYS B 493 8.63 13.03 -28.20
C LYS B 493 7.72 12.53 -29.31
N GLU B 494 7.63 11.21 -29.48
CA GLU B 494 6.78 10.63 -30.51
C GLU B 494 5.33 10.98 -30.25
N ALA B 495 4.58 11.19 -31.33
CA ALA B 495 3.16 11.47 -31.29
C ALA B 495 2.82 12.66 -30.41
N ALA B 496 3.80 13.53 -30.14
CA ALA B 496 3.58 14.64 -29.22
C ALA B 496 2.39 15.49 -29.64
N HIS B 497 2.24 15.70 -30.96
CA HIS B 497 1.12 16.51 -31.44
C HIS B 497 -0.21 15.84 -31.14
N SER B 498 -0.30 14.54 -31.41
CA SER B 498 -1.54 13.82 -31.14
C SER B 498 -1.85 13.83 -29.66
N ASN B 499 -0.84 13.60 -28.82
CA ASN B 499 -1.06 13.68 -27.39
C ASN B 499 -1.52 15.06 -26.99
N LYS B 500 -0.98 16.10 -27.61
CA LYS B 500 -1.43 17.46 -27.33
C LYS B 500 -2.90 17.63 -27.70
N ALA B 501 -3.31 17.04 -28.82
CA ALA B 501 -4.71 17.13 -29.23
C ALA B 501 -5.60 16.45 -28.21
N LEU B 502 -5.22 15.24 -27.80
CA LEU B 502 -5.97 14.55 -26.75
C LEU B 502 -6.00 15.36 -25.47
N MET B 503 -4.93 16.09 -25.21
CA MET B 503 -4.88 16.92 -24.01
C MET B 503 -5.89 18.04 -24.11
N GLU B 504 -5.99 18.67 -25.28
CA GLU B 504 -7.04 19.65 -25.50
C GLU B 504 -8.41 19.02 -25.27
N LEU B 505 -8.62 17.83 -25.82
CA LEU B 505 -9.87 17.09 -25.60
C LEU B 505 -10.21 17.03 -24.13
N VAL B 506 -9.32 16.42 -23.35
CA VAL B 506 -9.62 16.16 -21.95
C VAL B 506 -9.72 17.45 -21.17
N LYS B 507 -8.94 18.47 -21.54
CA LYS B 507 -8.99 19.73 -20.83
C LYS B 507 -10.34 20.41 -21.03
N GLU B 508 -10.81 20.47 -22.27
CA GLU B 508 -12.15 21.00 -22.52
C GLU B 508 -13.19 20.18 -21.78
N ALA B 509 -13.08 18.85 -21.85
CA ALA B 509 -14.09 18.00 -21.22
C ALA B 509 -14.16 18.26 -19.73
N LEU B 510 -13.02 18.40 -19.07
CA LEU B 510 -13.01 18.72 -17.65
C LEU B 510 -13.55 20.11 -17.40
N ALA B 511 -13.14 21.09 -18.20
CA ALA B 511 -13.59 22.45 -17.97
C ALA B 511 -15.09 22.59 -18.14
N THR B 512 -15.73 21.65 -18.84
CA THR B 512 -17.19 21.65 -18.96
C THR B 512 -17.84 21.89 -17.61
N VAL B 513 -17.64 20.97 -16.67
CA VAL B 513 -17.94 21.18 -15.27
C VAL B 513 -16.81 20.58 -14.47
N GLY B 514 -16.43 21.25 -13.40
CA GLY B 514 -15.26 20.86 -12.64
C GLY B 514 -14.49 22.08 -12.23
N ALA B 515 -14.74 23.18 -12.94
CA ALA B 515 -14.33 24.51 -12.51
C ALA B 515 -12.81 24.64 -12.41
N GLU B 516 -12.07 23.60 -12.76
CA GLU B 516 -10.62 23.68 -12.70
C GLU B 516 -10.01 22.64 -13.61
N HIS B 517 -8.98 23.05 -14.33
CA HIS B 517 -8.14 22.16 -15.11
C HIS B 517 -7.23 21.36 -14.21
N ALA B 518 -7.79 20.47 -13.40
CA ALA B 518 -6.97 19.69 -12.48
C ALA B 518 -6.31 18.50 -13.15
N VAL B 519 -5.69 18.75 -14.31
CA VAL B 519 -5.04 17.74 -15.12
C VAL B 519 -4.16 18.48 -16.10
N SER B 520 -2.93 18.01 -16.27
CA SER B 520 -2.01 18.76 -17.10
C SER B 520 -1.03 17.82 -17.77
N LEU B 521 -0.43 18.31 -18.84
CA LEU B 521 0.59 17.58 -19.56
C LEU B 521 1.89 18.35 -19.47
N VAL B 522 2.98 17.62 -19.28
CA VAL B 522 4.31 18.21 -19.31
C VAL B 522 5.24 17.23 -20.00
N SER B 523 5.72 17.61 -21.18
CA SER B 523 6.56 16.75 -22.00
C SER B 523 7.47 17.66 -22.80
N THR B 524 7.99 17.14 -23.92
CA THR B 524 8.93 17.89 -24.74
C THR B 524 10.17 18.24 -23.92
N ARG B 525 10.95 17.19 -23.62
CA ARG B 525 12.22 17.37 -22.94
C ARG B 525 12.01 17.88 -21.52
N GLU B 526 11.43 17.03 -20.67
CA GLU B 526 11.19 17.41 -19.29
C GLU B 526 12.02 16.62 -18.29
N GLU B 527 13.12 16.01 -18.74
CA GLU B 527 14.18 15.57 -17.85
C GLU B 527 13.64 14.62 -16.77
N ILE B 528 13.26 13.42 -17.22
CA ILE B 528 12.67 12.40 -16.35
C ILE B 528 13.37 12.38 -15.00
N SER B 529 14.70 12.40 -15.01
CA SER B 529 15.43 12.33 -13.75
C SER B 529 15.17 13.57 -12.90
N ASP B 530 14.94 14.72 -13.52
CA ASP B 530 14.75 15.93 -12.74
C ASP B 530 13.49 15.84 -11.88
N LEU B 531 12.32 15.74 -12.48
CA LEU B 531 11.12 15.71 -11.67
C LEU B 531 11.01 14.41 -10.91
N LEU B 532 11.52 13.31 -11.48
CA LEU B 532 11.55 12.06 -10.73
C LEU B 532 12.28 12.25 -9.41
N SER B 533 13.40 12.98 -9.42
CA SER B 533 14.09 13.24 -8.17
C SER B 533 13.24 14.06 -7.23
N MET B 534 12.43 14.97 -7.76
CA MET B 534 11.60 15.81 -6.92
C MET B 534 10.67 14.93 -6.09
N GLU B 535 10.34 15.41 -4.90
CA GLU B 535 9.53 14.66 -3.96
C GLU B 535 8.44 15.58 -3.41
N ASN B 536 7.61 15.01 -2.53
CA ASN B 536 6.66 15.79 -1.75
C ASN B 536 5.63 16.50 -2.61
N HIS B 537 5.66 16.30 -3.93
CA HIS B 537 4.57 16.73 -4.79
C HIS B 537 3.97 15.55 -5.54
N ILE B 538 4.77 14.77 -6.25
CA ILE B 538 4.23 13.59 -6.88
C ILE B 538 4.04 12.52 -5.82
N ASP B 539 3.14 11.59 -6.08
CA ASP B 539 2.83 10.54 -5.13
C ASP B 539 3.03 9.14 -5.69
N LEU B 540 2.43 8.86 -6.84
CA LEU B 540 2.48 7.53 -7.41
C LEU B 540 2.95 7.62 -8.85
N ILE B 541 4.08 6.99 -9.15
CA ILE B 541 4.62 6.92 -10.49
C ILE B 541 4.04 5.69 -11.16
N ILE B 542 3.31 5.90 -12.25
CA ILE B 542 2.70 4.76 -12.93
C ILE B 542 3.28 4.62 -14.32
N PRO B 543 4.42 3.96 -14.48
CA PRO B 543 4.88 3.65 -15.83
C PRO B 543 3.89 2.70 -16.48
N ARG B 544 3.73 2.85 -17.79
CA ARG B 544 2.83 1.96 -18.51
C ARG B 544 3.45 1.47 -19.81
N GLY B 545 4.40 2.22 -20.35
CA GLY B 545 4.85 2.01 -21.70
C GLY B 545 5.25 0.59 -22.07
N SER B 546 6.37 0.12 -21.55
CA SER B 546 6.87 -1.21 -21.86
C SER B 546 8.04 -1.48 -20.93
N SER B 547 8.69 -2.63 -21.13
CA SER B 547 9.78 -3.05 -20.25
C SER B 547 10.86 -1.99 -20.13
N ASP B 548 11.10 -1.23 -21.19
CA ASP B 548 12.15 -0.21 -21.16
C ASP B 548 11.87 0.82 -20.07
N LEU B 549 10.68 1.41 -20.09
CA LEU B 549 10.36 2.45 -19.14
C LEU B 549 10.42 1.93 -17.72
N VAL B 550 9.78 0.78 -17.47
CA VAL B 550 9.71 0.30 -16.11
C VAL B 550 11.10 -0.05 -15.59
N ARG B 551 11.95 -0.65 -16.43
CA ARG B 551 13.30 -0.96 -15.97
C ARG B 551 14.08 0.31 -15.68
N SER B 552 14.11 1.22 -16.65
CA SER B 552 14.85 2.46 -16.48
C SER B 552 14.37 3.22 -15.27
N ILE B 553 13.09 3.11 -14.94
CA ILE B 553 12.56 3.80 -13.77
C ILE B 553 13.00 3.09 -12.50
N GLN B 554 12.60 1.83 -12.35
CA GLN B 554 12.93 1.06 -11.15
C GLN B 554 14.39 1.24 -10.77
N GLN B 555 15.28 1.20 -11.77
CA GLN B 555 16.67 1.54 -11.47
C GLN B 555 16.79 3.02 -11.11
N GLN B 556 16.36 3.91 -12.01
CA GLN B 556 16.49 5.34 -11.80
C GLN B 556 15.75 5.79 -10.55
N SER B 557 14.50 5.39 -10.42
CA SER B 557 13.66 5.85 -9.32
C SER B 557 14.31 5.57 -7.98
N LEU B 558 14.11 6.50 -7.05
CA LEU B 558 14.63 6.33 -5.69
C LEU B 558 13.78 7.14 -4.73
N HIS B 559 13.24 6.45 -3.72
CA HIS B 559 12.41 7.06 -2.68
C HIS B 559 11.17 7.71 -3.28
N ILE B 560 10.32 6.90 -3.89
CA ILE B 560 9.06 7.38 -4.43
C ILE B 560 8.12 6.20 -4.64
N PRO B 561 6.85 6.32 -4.27
CA PRO B 561 5.91 5.21 -4.49
C PRO B 561 5.65 5.03 -5.96
N VAL B 562 5.92 3.83 -6.47
CA VAL B 562 5.80 3.56 -7.90
C VAL B 562 4.78 2.45 -8.08
N LEU B 563 4.46 2.14 -9.33
CA LEU B 563 3.68 0.96 -9.67
C LEU B 563 4.41 0.25 -10.79
N GLY B 564 3.75 -0.75 -11.37
CA GLY B 564 4.35 -1.41 -12.50
C GLY B 564 5.39 -2.43 -12.10
N HIS B 565 5.35 -3.60 -12.73
CA HIS B 565 6.22 -4.69 -12.36
C HIS B 565 7.60 -4.48 -12.99
N ALA B 566 8.44 -5.51 -12.92
CA ALA B 566 9.78 -5.46 -13.48
C ALA B 566 9.89 -6.20 -14.79
N GLU B 567 9.54 -7.48 -14.81
CA GLU B 567 9.55 -8.27 -16.04
C GLU B 567 8.59 -9.43 -15.86
N GLY B 568 7.61 -9.54 -16.75
CA GLY B 568 6.54 -10.48 -16.54
C GLY B 568 6.97 -11.92 -16.72
N VAL B 569 7.88 -12.38 -15.87
CA VAL B 569 8.38 -13.75 -15.94
C VAL B 569 7.30 -14.65 -15.37
N CYS B 570 6.50 -15.23 -16.24
CA CYS B 570 5.43 -16.10 -15.79
C CYS B 570 6.02 -17.45 -15.44
N HIS B 571 5.15 -18.43 -15.22
CA HIS B 571 5.55 -19.82 -15.10
C HIS B 571 4.29 -20.65 -15.15
N VAL B 572 4.47 -21.95 -15.40
CA VAL B 572 3.36 -22.86 -15.61
C VAL B 572 3.72 -24.18 -14.93
N TYR B 573 2.71 -24.95 -14.62
CA TYR B 573 2.96 -26.31 -14.16
C TYR B 573 1.89 -27.21 -14.73
N ILE B 574 2.26 -28.47 -14.94
CA ILE B 574 1.35 -29.49 -15.39
C ILE B 574 1.58 -30.70 -14.50
N ASP B 575 0.54 -31.48 -14.26
CA ASP B 575 0.65 -32.57 -13.31
C ASP B 575 0.41 -33.93 -13.95
N ARG B 576 0.92 -34.96 -13.28
CA ARG B 576 0.74 -36.36 -13.62
C ARG B 576 -0.75 -36.74 -13.69
N ASP B 577 -1.61 -35.85 -13.22
CA ASP B 577 -3.05 -36.09 -13.27
C ASP B 577 -3.69 -35.01 -14.13
N ALA B 578 -3.12 -34.76 -15.30
CA ALA B 578 -3.68 -33.82 -16.26
C ALA B 578 -3.74 -34.49 -17.61
N ASP B 579 -4.90 -34.42 -18.26
CA ASP B 579 -5.01 -34.92 -19.62
C ASP B 579 -4.36 -33.94 -20.59
N LEU B 580 -3.76 -34.49 -21.63
CA LEU B 580 -2.76 -33.75 -22.38
C LEU B 580 -3.37 -32.59 -23.15
N GLU B 581 -4.46 -32.84 -23.88
CA GLU B 581 -4.98 -31.83 -24.80
C GLU B 581 -5.27 -30.53 -24.08
N LYS B 582 -5.65 -30.62 -22.80
CA LYS B 582 -5.67 -29.44 -21.95
C LYS B 582 -4.36 -28.69 -22.06
N ALA B 583 -3.27 -29.35 -21.65
CA ALA B 583 -1.96 -28.72 -21.65
C ALA B 583 -1.63 -28.17 -23.03
N LEU B 584 -2.01 -28.89 -24.07
CA LEU B 584 -1.68 -28.46 -25.42
C LEU B 584 -2.33 -27.11 -25.72
N ARG B 585 -3.65 -27.05 -25.66
CA ARG B 585 -4.30 -25.78 -25.98
C ARG B 585 -3.91 -24.70 -24.97
N ILE B 586 -3.53 -25.11 -23.77
CA ILE B 586 -3.13 -24.13 -22.77
C ILE B 586 -1.81 -23.47 -23.17
N ALA B 587 -0.83 -24.28 -23.55
CA ALA B 587 0.41 -23.73 -24.06
C ALA B 587 0.17 -22.90 -25.31
N ARG B 588 -0.79 -23.32 -26.14
CA ARG B 588 -1.16 -22.52 -27.30
C ARG B 588 -1.56 -21.12 -26.88
N ASP B 589 -2.63 -21.01 -26.09
CA ASP B 589 -3.06 -19.71 -25.61
C ASP B 589 -1.94 -18.99 -24.87
N ALA B 590 -1.06 -19.74 -24.22
CA ALA B 590 -0.04 -19.15 -23.38
C ALA B 590 0.99 -18.41 -24.21
N LYS B 591 1.64 -19.12 -25.12
CA LYS B 591 2.76 -18.56 -25.88
C LYS B 591 2.37 -18.11 -27.28
N CYS B 592 1.57 -18.91 -27.99
CA CYS B 592 1.26 -18.66 -29.39
C CYS B 592 0.59 -17.31 -29.64
N ASP B 593 -0.11 -16.75 -28.66
CA ASP B 593 -1.03 -15.65 -28.97
C ASP B 593 -0.32 -14.31 -29.13
N TYR B 594 0.30 -13.82 -28.08
CA TYR B 594 0.84 -12.45 -28.06
C TYR B 594 2.23 -12.45 -27.45
N PRO B 595 3.25 -12.77 -28.24
CA PRO B 595 4.58 -13.03 -27.67
C PRO B 595 5.18 -11.85 -26.93
N ALA B 596 4.78 -10.63 -27.24
CA ALA B 596 5.38 -9.47 -26.61
C ALA B 596 4.63 -9.01 -25.38
N ALA B 597 3.60 -9.73 -24.95
CA ALA B 597 2.78 -9.29 -23.83
C ALA B 597 3.58 -9.32 -22.53
N CYS B 598 3.34 -8.32 -21.69
CA CYS B 598 3.99 -8.25 -20.39
C CYS B 598 3.75 -9.54 -19.61
N ASN B 599 2.49 -9.89 -19.42
CA ASN B 599 2.12 -11.07 -18.65
C ASN B 599 2.16 -12.33 -19.47
N ALA B 600 2.92 -12.36 -20.56
CA ALA B 600 2.99 -13.54 -21.39
C ALA B 600 3.94 -14.57 -20.79
N MET B 601 3.56 -15.84 -20.89
CA MET B 601 4.35 -16.91 -20.31
C MET B 601 5.75 -16.91 -20.92
N GLU B 602 6.70 -17.42 -20.16
CA GLU B 602 8.06 -17.47 -20.64
C GLU B 602 8.78 -18.74 -20.27
N THR B 603 8.12 -19.68 -19.62
CA THR B 603 8.77 -20.92 -19.21
C THR B 603 7.72 -22.02 -19.27
N LEU B 604 8.02 -23.13 -18.63
CA LEU B 604 7.12 -24.27 -18.54
C LEU B 604 7.78 -25.27 -17.62
N LEU B 605 6.97 -26.15 -17.05
CA LEU B 605 7.46 -27.13 -16.10
C LEU B 605 6.48 -28.29 -16.08
N ILE B 606 7.01 -29.50 -16.06
CA ILE B 606 6.17 -30.69 -16.19
C ILE B 606 6.65 -31.76 -15.23
N HIS B 607 5.69 -32.49 -14.67
CA HIS B 607 5.96 -33.71 -13.93
C HIS B 607 6.89 -34.61 -14.72
N GLU B 608 8.08 -34.87 -14.16
CA GLU B 608 9.07 -35.65 -14.89
C GLU B 608 8.55 -37.04 -15.23
N ASP B 609 7.70 -37.61 -14.38
CA ASP B 609 7.23 -38.96 -14.63
C ASP B 609 6.52 -39.04 -15.96
N LEU B 610 5.69 -38.04 -16.28
CA LEU B 610 4.96 -38.06 -17.53
C LEU B 610 5.82 -37.71 -18.73
N MET B 611 7.14 -37.62 -18.56
CA MET B 611 8.02 -37.66 -19.73
C MET B 611 7.72 -38.87 -20.58
N SER B 612 7.35 -39.98 -19.94
CA SER B 612 7.01 -41.23 -20.61
C SER B 612 5.63 -41.20 -21.24
N GLY B 613 5.00 -40.03 -21.36
CA GLY B 613 3.69 -39.93 -21.97
C GLY B 613 3.66 -39.27 -23.33
N ALA B 614 4.80 -39.13 -24.00
CA ALA B 614 4.92 -38.50 -25.31
C ALA B 614 4.47 -37.04 -25.30
N ILE B 615 4.14 -36.50 -24.12
CA ILE B 615 3.70 -35.12 -24.03
C ILE B 615 4.76 -34.17 -24.54
N PHE B 616 6.03 -34.45 -24.22
CA PHE B 616 7.11 -33.57 -24.64
C PHE B 616 7.14 -33.44 -26.15
N GLY B 617 7.12 -34.58 -26.84
CA GLY B 617 7.12 -34.54 -28.29
C GLY B 617 5.94 -33.76 -28.84
N ASP B 618 4.75 -33.99 -28.29
CA ASP B 618 3.57 -33.29 -28.78
C ASP B 618 3.74 -31.79 -28.65
N VAL B 619 4.12 -31.33 -27.45
CA VAL B 619 4.17 -29.90 -27.22
C VAL B 619 5.29 -29.26 -28.03
N CYS B 620 6.43 -29.93 -28.17
CA CYS B 620 7.51 -29.30 -28.89
C CYS B 620 7.27 -29.30 -30.40
N ASN B 621 6.73 -30.40 -30.93
CA ASN B 621 6.32 -30.39 -32.32
C ASN B 621 5.27 -29.33 -32.57
N MET B 622 4.38 -29.09 -31.60
CA MET B 622 3.40 -28.03 -31.75
C MET B 622 4.08 -26.67 -31.78
N LEU B 623 5.02 -26.45 -30.86
CA LEU B 623 5.75 -25.19 -30.84
C LEU B 623 6.47 -24.95 -32.15
N LYS B 624 6.98 -26.01 -32.76
CA LYS B 624 7.61 -25.86 -34.07
C LYS B 624 6.57 -25.57 -35.14
N ARG B 625 5.41 -26.22 -35.07
CA ARG B 625 4.31 -25.87 -35.96
C ARG B 625 3.98 -24.39 -35.87
N GLU B 626 4.17 -23.80 -34.69
CA GLU B 626 4.00 -22.36 -34.52
C GLU B 626 5.34 -21.64 -34.52
N GLY B 627 6.43 -22.36 -34.79
CA GLY B 627 7.73 -21.74 -34.94
C GLY B 627 8.18 -20.98 -33.71
N VAL B 628 8.51 -21.71 -32.65
CA VAL B 628 8.90 -21.12 -31.38
C VAL B 628 10.33 -21.54 -31.07
N LYS B 629 11.21 -20.57 -30.91
CA LYS B 629 12.59 -20.88 -30.54
C LYS B 629 12.63 -21.53 -29.17
N ILE B 630 13.51 -22.52 -29.01
CA ILE B 630 13.50 -23.39 -27.85
C ILE B 630 14.86 -23.40 -27.20
N TYR B 631 14.91 -23.10 -25.91
CA TYR B 631 16.03 -23.43 -25.06
C TYR B 631 15.51 -24.37 -23.98
N ALA B 632 16.37 -24.71 -23.02
CA ALA B 632 15.98 -25.65 -21.98
C ALA B 632 16.93 -25.48 -20.80
N GLY B 633 16.87 -26.43 -19.88
CA GLY B 633 17.62 -26.32 -18.65
C GLY B 633 18.37 -27.58 -18.31
N PRO B 634 19.12 -27.52 -17.21
CA PRO B 634 20.12 -28.57 -16.94
C PRO B 634 19.52 -29.95 -16.82
N ARG B 635 18.40 -30.10 -16.13
CA ARG B 635 17.81 -31.43 -15.97
C ARG B 635 17.40 -31.99 -17.32
N LEU B 636 16.86 -31.14 -18.19
CA LEU B 636 16.54 -31.58 -19.54
C LEU B 636 17.79 -31.95 -20.30
N ASN B 637 18.87 -31.19 -20.10
CA ASN B 637 20.16 -31.55 -20.68
C ASN B 637 20.57 -32.94 -20.22
N GLN B 638 20.22 -33.28 -18.99
CA GLN B 638 20.55 -34.61 -18.49
C GLN B 638 19.73 -35.67 -19.20
N GLN B 639 18.41 -35.55 -19.14
CA GLN B 639 17.56 -36.69 -19.48
C GLN B 639 17.66 -37.08 -20.94
N LEU B 640 17.98 -36.14 -21.81
CA LEU B 640 18.09 -36.43 -23.24
C LEU B 640 19.51 -36.19 -23.73
N THR B 641 19.80 -36.69 -24.92
CA THR B 641 21.15 -36.62 -25.48
C THR B 641 21.35 -35.39 -26.34
N PHE B 642 20.55 -35.26 -27.40
CA PHE B 642 20.80 -34.25 -28.43
C PHE B 642 20.41 -32.87 -27.96
N GLY B 643 19.12 -32.67 -27.69
CA GLY B 643 18.64 -31.54 -26.95
C GLY B 643 18.69 -30.22 -27.69
N PRO B 644 17.74 -29.35 -27.40
CA PRO B 644 17.79 -27.98 -27.89
C PRO B 644 18.97 -27.25 -27.29
N PRO B 645 19.27 -26.04 -27.75
CA PRO B 645 20.49 -25.37 -27.31
C PRO B 645 20.51 -25.04 -25.83
N ALA B 646 21.62 -24.50 -25.38
CA ALA B 646 21.78 -24.12 -23.99
C ALA B 646 20.91 -22.91 -23.68
N ALA B 647 20.98 -22.47 -22.42
CA ALA B 647 20.22 -21.32 -21.96
C ALA B 647 21.19 -20.31 -21.36
N LYS B 648 21.04 -19.05 -21.76
CA LYS B 648 21.91 -18.00 -21.23
C LYS B 648 21.76 -17.89 -19.72
N SER B 649 20.58 -17.50 -19.26
CA SER B 649 20.31 -17.39 -17.83
C SER B 649 18.82 -17.59 -17.62
N LEU B 650 18.48 -18.39 -16.62
CA LEU B 650 17.09 -18.76 -16.41
C LEU B 650 16.21 -17.56 -16.12
N LYS B 651 16.79 -16.44 -15.69
CA LYS B 651 16.03 -15.24 -15.37
C LYS B 651 15.93 -14.28 -16.55
N HIS B 652 15.97 -14.80 -17.76
CA HIS B 652 15.95 -13.94 -18.94
C HIS B 652 14.51 -13.64 -19.35
N GLU B 653 14.37 -12.85 -20.41
CA GLU B 653 13.08 -12.53 -21.00
C GLU B 653 13.30 -12.31 -22.49
N TYR B 654 12.29 -12.67 -23.28
CA TYR B 654 12.43 -12.68 -24.73
C TYR B 654 11.43 -11.80 -25.44
N GLY B 655 10.15 -11.89 -25.08
CA GLY B 655 9.14 -11.12 -25.76
C GLY B 655 8.83 -11.58 -27.17
N ALA B 656 9.45 -12.65 -27.64
CA ALA B 656 9.17 -13.19 -28.96
C ALA B 656 9.02 -14.71 -28.85
N LEU B 657 9.02 -15.41 -29.98
CA LEU B 657 8.68 -16.82 -29.98
C LEU B 657 9.79 -17.67 -29.37
N GLU B 658 10.05 -17.49 -28.08
CA GLU B 658 11.08 -18.22 -27.36
C GLU B 658 10.54 -18.55 -25.98
N CYS B 659 10.62 -19.82 -25.58
CA CYS B 659 10.11 -20.23 -24.28
C CYS B 659 10.99 -21.33 -23.71
N CYS B 660 11.66 -21.02 -22.60
CA CYS B 660 12.49 -21.99 -21.94
C CYS B 660 11.63 -23.12 -21.37
N ILE B 661 12.26 -24.22 -21.03
CA ILE B 661 11.55 -25.38 -20.52
C ILE B 661 12.44 -26.13 -19.53
N GLU B 662 11.91 -26.41 -18.35
CA GLU B 662 12.56 -27.25 -17.36
C GLU B 662 11.57 -28.30 -16.89
N VAL B 663 12.05 -29.22 -16.06
CA VAL B 663 11.20 -30.26 -15.48
C VAL B 663 11.77 -30.68 -14.14
N VAL B 664 10.89 -30.93 -13.17
CA VAL B 664 11.30 -31.35 -11.83
C VAL B 664 10.33 -32.41 -11.33
N PRO B 665 10.79 -33.24 -10.38
CA PRO B 665 9.91 -34.29 -9.85
C PRO B 665 8.93 -33.84 -8.78
N SER B 666 9.36 -32.92 -7.91
CA SER B 666 8.61 -32.57 -6.72
C SER B 666 7.76 -31.33 -6.95
N LEU B 667 6.46 -31.46 -6.69
CA LEU B 667 5.60 -30.29 -6.62
C LEU B 667 6.24 -29.22 -5.76
N ASP B 668 6.77 -29.62 -4.61
CA ASP B 668 7.46 -28.66 -3.75
C ASP B 668 8.71 -28.14 -4.43
N GLU B 669 9.42 -28.99 -5.18
CA GLU B 669 10.54 -28.48 -5.95
C GLU B 669 10.06 -27.45 -6.95
N ALA B 670 8.88 -27.68 -7.52
CA ALA B 670 8.30 -26.67 -8.39
C ALA B 670 8.12 -25.37 -7.64
N ILE B 671 7.63 -25.45 -6.41
CA ILE B 671 7.43 -24.22 -5.63
C ILE B 671 8.75 -23.52 -5.43
N ASN B 672 9.78 -24.29 -5.07
CA ASN B 672 11.11 -23.72 -4.90
C ASN B 672 11.54 -22.99 -6.15
N HIS B 673 11.36 -23.61 -7.30
CA HIS B 673 11.84 -23.02 -8.53
C HIS B 673 11.09 -21.72 -8.82
N ILE B 674 9.76 -21.76 -8.73
CA ILE B 674 8.99 -20.56 -9.02
C ILE B 674 9.41 -19.43 -8.11
N HIS B 675 9.59 -19.73 -6.82
CA HIS B 675 9.93 -18.67 -5.90
C HIS B 675 11.39 -18.25 -5.99
N THR B 676 12.23 -19.07 -6.61
CA THR B 676 13.64 -18.73 -6.67
C THR B 676 13.99 -17.94 -7.91
N TYR B 677 13.49 -18.35 -9.08
CA TYR B 677 13.88 -17.69 -10.32
C TYR B 677 12.88 -16.65 -10.78
N GLY B 678 11.62 -17.04 -10.97
CA GLY B 678 10.67 -16.13 -11.57
C GLY B 678 10.37 -14.95 -10.67
N SER B 679 10.03 -13.84 -11.28
CA SER B 679 9.57 -12.66 -10.55
C SER B 679 8.25 -12.87 -9.95
N SER B 680 7.72 -14.08 -10.04
CA SER B 680 6.45 -14.43 -9.43
C SER B 680 5.36 -13.45 -9.82
N HIS B 681 5.25 -13.18 -11.12
CA HIS B 681 4.17 -12.32 -11.58
C HIS B 681 2.87 -13.10 -11.77
N THR B 682 2.93 -14.39 -12.02
CA THR B 682 1.75 -15.16 -12.37
C THR B 682 2.10 -16.63 -12.17
N ASP B 683 1.16 -17.51 -12.50
CA ASP B 683 1.30 -18.95 -12.32
C ASP B 683 0.05 -19.62 -12.87
N VAL B 684 0.07 -20.95 -12.92
CA VAL B 684 -1.08 -21.72 -13.35
C VAL B 684 -0.86 -23.19 -13.04
N ILE B 685 -1.92 -23.90 -12.68
CA ILE B 685 -1.88 -25.34 -12.50
C ILE B 685 -2.91 -25.96 -13.42
N VAL B 686 -2.60 -27.15 -13.94
CA VAL B 686 -3.52 -27.89 -14.77
C VAL B 686 -3.47 -29.35 -14.36
N THR B 687 -4.58 -29.85 -13.82
CA THR B 687 -4.71 -31.23 -13.38
C THR B 687 -6.17 -31.47 -13.02
N GLU B 688 -6.47 -32.63 -12.45
CA GLU B 688 -7.80 -32.87 -11.92
C GLU B 688 -7.84 -33.04 -10.41
N ASN B 689 -6.75 -33.47 -9.79
CA ASN B 689 -6.72 -33.57 -8.34
C ASN B 689 -6.79 -32.20 -7.72
N ASP B 690 -7.64 -32.06 -6.70
CA ASP B 690 -7.70 -30.81 -5.96
C ASP B 690 -6.62 -30.73 -4.90
N ALA B 691 -6.30 -31.87 -4.28
CA ALA B 691 -5.40 -31.87 -3.13
C ALA B 691 -4.08 -31.21 -3.48
N ALA B 692 -3.37 -31.77 -4.47
CA ALA B 692 -2.17 -31.10 -4.97
C ALA B 692 -2.48 -29.70 -5.43
N ALA B 693 -3.58 -29.54 -6.16
CA ALA B 693 -3.96 -28.22 -6.63
C ALA B 693 -4.15 -27.26 -5.47
N ARG B 694 -4.93 -27.67 -4.47
CA ARG B 694 -5.26 -26.74 -3.41
C ARG B 694 -4.03 -26.43 -2.57
N GLN B 695 -3.16 -27.40 -2.36
CA GLN B 695 -1.92 -27.13 -1.65
C GLN B 695 -1.08 -26.14 -2.42
N PHE B 696 -0.96 -26.32 -3.73
CA PHE B 696 -0.23 -25.38 -4.55
C PHE B 696 -0.79 -23.98 -4.38
N LEU B 697 -2.07 -23.81 -4.75
CA LEU B 697 -2.70 -22.51 -4.67
C LEU B 697 -2.48 -21.87 -3.31
N GLY B 698 -2.61 -22.66 -2.24
CA GLY B 698 -2.32 -22.13 -0.93
C GLY B 698 -0.85 -21.85 -0.71
N SER B 699 0.02 -22.35 -1.57
CA SER B 699 1.44 -22.23 -1.29
C SER B 699 2.07 -21.00 -1.93
N VAL B 700 2.08 -20.94 -3.25
CA VAL B 700 2.91 -19.96 -3.95
C VAL B 700 2.43 -18.55 -3.65
N ASP B 701 3.36 -17.60 -3.73
CA ASP B 701 3.10 -16.19 -3.45
C ASP B 701 3.38 -15.37 -4.70
N SER B 702 2.85 -15.80 -5.83
CA SER B 702 2.96 -15.01 -7.04
C SER B 702 2.01 -13.81 -6.92
N ALA B 703 1.86 -13.05 -8.00
CA ALA B 703 0.86 -11.99 -8.00
C ALA B 703 -0.53 -12.50 -8.33
N CYS B 704 -0.68 -13.78 -8.62
CA CYS B 704 -1.97 -14.44 -8.78
C CYS B 704 -1.66 -15.91 -9.04
N VAL B 705 -2.71 -16.71 -9.10
CA VAL B 705 -2.61 -18.11 -9.48
C VAL B 705 -3.83 -18.46 -10.32
N PHE B 706 -3.84 -19.65 -10.89
CA PHE B 706 -4.97 -20.08 -11.69
C PHE B 706 -5.10 -21.59 -11.58
N HIS B 707 -6.19 -22.11 -12.13
CA HIS B 707 -6.40 -23.54 -12.16
C HIS B 707 -7.11 -23.85 -13.48
N ASN B 708 -6.34 -24.34 -14.45
CA ASN B 708 -6.83 -24.56 -15.81
C ASN B 708 -7.29 -23.25 -16.45
N ALA B 709 -6.35 -22.33 -16.59
CA ALA B 709 -6.60 -21.06 -17.25
C ALA B 709 -5.39 -20.74 -18.10
N SER B 710 -5.29 -19.48 -18.52
CA SER B 710 -4.22 -19.04 -19.41
C SER B 710 -3.63 -17.76 -18.87
N SER B 711 -2.32 -17.76 -18.63
CA SER B 711 -1.67 -16.62 -18.01
C SER B 711 -1.92 -15.35 -18.81
N ARG B 712 -2.44 -15.49 -20.01
CA ARG B 712 -2.96 -14.33 -20.72
C ARG B 712 -4.21 -13.78 -20.08
N PHE B 713 -4.75 -14.46 -19.07
CA PHE B 713 -5.98 -13.97 -18.45
C PHE B 713 -5.74 -12.72 -17.62
N ALA B 714 -4.56 -12.55 -17.04
CA ALA B 714 -4.34 -11.44 -16.12
C ALA B 714 -4.26 -10.13 -16.87
N ASP B 715 -5.38 -9.45 -17.03
CA ASP B 715 -5.36 -8.09 -17.56
C ASP B 715 -6.38 -7.18 -16.91
N GLY B 716 -7.05 -7.61 -15.86
CA GLY B 716 -8.06 -6.75 -15.24
C GLY B 716 -9.37 -6.69 -15.99
N PHE B 717 -9.32 -6.29 -17.26
CA PHE B 717 -10.53 -6.30 -18.07
C PHE B 717 -11.13 -7.69 -18.12
N ARG B 718 -10.29 -8.72 -18.14
CA ARG B 718 -10.78 -10.09 -18.08
C ARG B 718 -11.31 -10.46 -16.71
N PHE B 719 -11.03 -9.67 -15.68
CA PHE B 719 -11.52 -9.92 -14.34
C PHE B 719 -12.83 -9.19 -14.05
N GLY B 720 -13.42 -8.55 -15.04
CA GLY B 720 -14.58 -7.71 -14.82
C GLY B 720 -14.27 -6.62 -13.81
N LEU B 721 -12.99 -6.28 -13.69
CA LEU B 721 -12.49 -5.42 -12.64
C LEU B 721 -12.52 -3.95 -13.03
N GLY B 722 -13.17 -3.60 -14.13
CA GLY B 722 -13.06 -2.26 -14.65
C GLY B 722 -11.69 -2.03 -15.27
N ALA B 723 -11.64 -1.05 -16.17
CA ALA B 723 -10.43 -0.82 -16.94
C ALA B 723 -9.25 -0.58 -16.01
N GLU B 724 -8.29 -1.47 -16.04
CA GLU B 724 -7.14 -1.39 -15.16
C GLU B 724 -6.31 -0.16 -15.48
N VAL B 725 -5.33 0.11 -14.62
CA VAL B 725 -4.40 1.22 -14.83
C VAL B 725 -2.97 0.77 -14.98
N GLY B 726 -2.69 -0.52 -14.80
CA GLY B 726 -1.32 -1.02 -14.88
C GLY B 726 -1.29 -2.44 -14.39
N ILE B 727 -0.11 -2.90 -14.02
CA ILE B 727 0.04 -4.19 -13.38
C ILE B 727 1.13 -4.08 -12.33
N SER B 728 0.80 -4.34 -11.08
CA SER B 728 1.76 -4.22 -10.00
C SER B 728 2.22 -5.61 -9.59
N THR B 729 3.51 -5.74 -9.31
CA THR B 729 4.05 -6.92 -8.67
C THR B 729 4.75 -6.61 -7.36
N ALA B 730 4.78 -5.34 -6.96
CA ALA B 730 5.44 -4.93 -5.74
C ALA B 730 4.82 -5.64 -4.54
N ARG B 731 5.54 -5.61 -3.42
CA ARG B 731 5.11 -6.31 -2.23
C ARG B 731 4.08 -5.55 -1.42
N ILE B 732 3.46 -4.51 -1.97
CA ILE B 732 2.66 -3.66 -1.11
C ILE B 732 1.57 -2.96 -1.92
N HIS B 733 0.40 -2.86 -1.30
CA HIS B 733 -0.63 -1.88 -1.65
C HIS B 733 -1.41 -2.20 -2.92
N ALA B 734 -0.94 -3.16 -3.70
CA ALA B 734 -1.59 -3.49 -4.95
C ALA B 734 -0.93 -4.74 -5.50
N ARG B 735 -1.74 -5.61 -6.09
CA ARG B 735 -1.17 -6.83 -6.63
C ARG B 735 -1.92 -7.20 -7.90
N GLY B 736 -1.17 -7.75 -8.86
CA GLY B 736 -1.73 -8.14 -10.13
C GLY B 736 -2.47 -6.99 -10.79
N PRO B 737 -3.65 -7.28 -11.30
CA PRO B 737 -4.50 -6.22 -11.85
C PRO B 737 -4.78 -5.14 -10.84
N VAL B 738 -4.28 -3.95 -11.11
CA VAL B 738 -4.50 -2.81 -10.22
C VAL B 738 -5.77 -2.13 -10.69
N GLY B 739 -6.88 -2.52 -10.11
CA GLY B 739 -8.15 -1.90 -10.41
C GLY B 739 -8.16 -0.45 -9.97
N VAL B 740 -9.27 0.21 -10.26
CA VAL B 740 -9.38 1.61 -9.87
C VAL B 740 -9.30 1.75 -8.36
N GLU B 741 -9.71 0.73 -7.62
CA GLU B 741 -9.59 0.81 -6.17
C GLU B 741 -8.15 0.95 -5.72
N GLY B 742 -7.20 0.56 -6.55
CA GLY B 742 -5.80 0.66 -6.18
C GLY B 742 -5.28 2.08 -6.21
N LEU B 743 -6.19 3.05 -6.19
CA LEU B 743 -5.82 4.45 -6.17
C LEU B 743 -6.45 5.19 -4.99
N LEU B 744 -6.86 4.47 -3.96
CA LEU B 744 -7.57 5.08 -2.85
C LEU B 744 -6.87 4.74 -1.53
N THR B 745 -7.10 5.60 -0.54
CA THR B 745 -6.52 5.41 0.78
C THR B 745 -7.61 5.70 1.82
N THR B 746 -7.18 5.80 3.08
CA THR B 746 -8.08 5.89 4.21
C THR B 746 -7.93 7.21 4.94
N LYS B 747 -8.92 7.52 5.76
CA LYS B 747 -8.92 8.75 6.54
C LYS B 747 -9.94 8.57 7.65
N TRP B 748 -9.46 8.54 8.90
CA TRP B 748 -10.35 8.30 10.02
C TRP B 748 -10.98 9.59 10.49
N ILE B 749 -12.28 9.56 10.73
CA ILE B 749 -12.95 10.72 11.27
C ILE B 749 -13.67 10.31 12.55
N LEU B 750 -13.85 11.27 13.44
CA LEU B 750 -14.46 11.04 14.74
C LEU B 750 -15.30 12.25 15.11
N GLU B 751 -16.51 12.00 15.58
CA GLU B 751 -17.43 13.07 15.96
C GLU B 751 -17.86 12.85 17.41
N GLY B 752 -17.01 13.29 18.34
CA GLY B 752 -17.36 13.21 19.74
C GLY B 752 -18.01 14.48 20.24
N GLN B 753 -18.40 14.47 21.51
CA GLN B 753 -19.02 15.64 22.12
C GLN B 753 -18.01 16.49 22.88
N ASP B 754 -17.41 15.92 23.93
CA ASP B 754 -16.47 16.68 24.76
C ASP B 754 -15.34 15.83 25.29
N HIS B 755 -14.93 14.80 24.55
CA HIS B 755 -14.14 13.74 25.14
C HIS B 755 -12.66 14.09 25.14
N ALA B 756 -11.86 13.21 25.74
CA ALA B 756 -10.44 13.44 25.92
C ALA B 756 -9.76 12.09 26.18
N ALA B 757 -8.44 12.11 26.30
CA ALA B 757 -7.68 10.88 26.49
C ALA B 757 -7.58 10.49 27.96
N ALA B 758 -7.19 11.43 28.82
CA ALA B 758 -7.08 11.14 30.25
C ALA B 758 -8.45 10.89 30.86
N ASP B 759 -9.50 11.46 30.28
CA ASP B 759 -10.84 11.24 30.81
C ASP B 759 -11.24 9.77 30.74
N PHE B 760 -10.69 9.02 29.78
CA PHE B 760 -11.02 7.61 29.67
C PHE B 760 -10.35 6.77 30.74
N ALA B 761 -9.30 7.28 31.37
CA ALA B 761 -8.65 6.53 32.44
C ALA B 761 -9.60 6.39 33.63
N GLU B 762 -9.13 5.72 34.67
CA GLU B 762 -9.98 5.45 35.84
C GLU B 762 -10.50 6.72 36.50
N GLY B 763 -9.85 7.86 36.24
CA GLY B 763 -10.31 9.11 36.83
C GLY B 763 -11.63 9.62 36.28
N GLY B 764 -12.12 9.06 35.18
CA GLY B 764 -13.34 9.52 34.57
C GLY B 764 -14.28 8.38 34.27
N GLY B 765 -15.54 8.76 34.01
CA GLY B 765 -16.57 7.78 33.71
C GLY B 765 -16.67 7.49 32.23
N ARG B 766 -15.56 7.15 31.61
CA ARG B 766 -15.51 6.83 30.19
C ARG B 766 -15.04 5.40 30.01
N THR B 767 -15.72 4.66 29.14
CA THR B 767 -15.43 3.26 28.90
C THR B 767 -15.39 2.99 27.41
N TRP B 768 -14.83 1.83 27.05
CA TRP B 768 -14.76 1.41 25.66
C TRP B 768 -15.81 0.34 25.41
N LEU B 769 -16.43 0.39 24.23
CA LEU B 769 -17.48 -0.55 23.86
C LEU B 769 -17.11 -1.40 22.66
N HIS B 770 -16.65 -0.78 21.57
CA HIS B 770 -16.27 -1.49 20.35
C HIS B 770 -17.45 -2.26 19.76
N GLU B 771 -18.55 -1.54 19.54
CA GLU B 771 -19.73 -2.09 18.88
C GLU B 771 -19.67 -1.75 17.39
N THR B 772 -19.42 -2.77 16.57
CA THR B 772 -19.30 -2.57 15.13
C THR B 772 -20.68 -2.30 14.56
N LEU B 773 -21.01 -1.04 14.35
CA LEU B 773 -22.29 -0.67 13.77
C LEU B 773 -22.40 -1.20 12.35
N PRO B 774 -23.62 -1.35 11.84
CA PRO B 774 -23.79 -1.67 10.42
C PRO B 774 -23.32 -0.50 9.57
N LEU B 775 -22.34 -0.76 8.71
CA LEU B 775 -21.81 0.30 7.86
C LEU B 775 -22.91 0.83 6.94
N ASP B 776 -22.99 2.15 6.86
CA ASP B 776 -24.07 2.81 6.14
C ASP B 776 -24.12 2.36 4.69
#